data_1HCI
#
_entry.id   1HCI
#
_cell.length_a   103.280
_cell.length_b   103.280
_cell.length_c   218.640
_cell.angle_alpha   90.00
_cell.angle_beta   90.00
_cell.angle_gamma   120.00
#
_symmetry.space_group_name_H-M   'P 31'
#
loop_
_entity.id
_entity.type
_entity.pdbx_description
1 polymer 'ALPHA-ACTININ 2'
2 water water
#
_entity_poly.entity_id   1
_entity_poly.type   'polypeptide(L)'
_entity_poly.pdbx_seq_one_letter_code
;GSSAVNQENERLMEEYERLASELLEWIRRTIPWLENRTPEKTMQAMQKKLEDFRDYRRKHKPPKVQEKCQLEINFNTLQT
KLRISNRPAFMPSEGKMVSDIAGAWQRLEQAEKGYEEWLLNEIRRLERLEHLAEKFRQKASTHETWAYGKEQILLQKDYE
SASLTEVRALLRKHEAFESDLAAHQDRVEQIAAIAQELNELDYHDAVNVNDRCQKICDQWDRLGTLTQKRREALERMEKL
LETIDQLHLEFAKRAAPFNNWMEGAMEDLQDMFIVHSIEEIQSLITAHEQFKATLPEADGERQSIMAIQNEVEKVIQSYN
IRISSSNPYSTVTMDELRTKWDKVKQLVPIRDQSLQEELARQHANERLRRQFAAQANAIGPWIQNKMEEIARSSIQITGA
LEDQMNQLKQYEHNIINYKNNIDKLEGDHQLIQEALVFDNKHTNYTMEHIRVGWELLLTTIARTINEVETQILTRD
;
_entity_poly.pdbx_strand_id   A,B
#
# COMPACT_ATOMS: atom_id res chain seq x y z
N SER A 2 29.41 101.02 -77.28
CA SER A 2 28.03 101.02 -76.73
C SER A 2 27.41 99.61 -76.66
N SER A 3 27.52 98.85 -77.75
CA SER A 3 26.98 97.49 -77.79
C SER A 3 28.00 96.48 -77.25
N ALA A 4 29.08 97.02 -76.66
CA ALA A 4 30.14 96.21 -76.06
C ALA A 4 29.67 95.88 -74.65
N VAL A 5 28.95 96.83 -74.06
CA VAL A 5 28.38 96.68 -72.72
C VAL A 5 27.09 95.87 -72.85
N ASN A 6 26.40 96.05 -73.97
CA ASN A 6 25.16 95.34 -74.24
C ASN A 6 25.43 93.87 -74.49
N GLN A 7 26.70 93.53 -74.74
CA GLN A 7 27.11 92.15 -74.99
C GLN A 7 27.12 91.30 -73.73
N GLU A 8 27.53 91.89 -72.61
CA GLU A 8 27.58 91.18 -71.33
C GLU A 8 26.33 91.50 -70.51
N ASN A 9 25.55 92.49 -70.95
CA ASN A 9 24.33 92.84 -70.25
C ASN A 9 23.24 91.92 -70.80
N GLU A 10 23.67 91.00 -71.66
CA GLU A 10 22.81 89.99 -72.26
C GLU A 10 23.12 88.66 -71.58
N ARG A 11 24.41 88.39 -71.39
CA ARG A 11 24.85 87.18 -70.73
C ARG A 11 24.45 87.29 -69.26
N LEU A 12 24.47 88.52 -68.74
CA LEU A 12 24.10 88.78 -67.35
C LEU A 12 22.58 88.88 -67.19
N MET A 13 21.85 88.41 -68.20
CA MET A 13 20.39 88.41 -68.17
C MET A 13 19.95 87.12 -68.84
N GLU A 14 20.93 86.46 -69.47
CA GLU A 14 20.74 85.19 -70.13
C GLU A 14 21.18 84.17 -69.08
N GLU A 15 22.05 84.64 -68.19
CA GLU A 15 22.56 83.83 -67.10
C GLU A 15 21.36 83.45 -66.26
N TYR A 16 20.48 84.42 -66.03
CA TYR A 16 19.27 84.24 -65.25
C TYR A 16 18.42 83.11 -65.78
N GLU A 17 18.07 83.22 -67.05
CA GLU A 17 17.24 82.21 -67.70
C GLU A 17 17.79 80.80 -67.53
N ARG A 18 18.90 80.51 -68.19
CA ARG A 18 19.54 79.19 -68.15
C ARG A 18 19.68 78.57 -66.76
N LEU A 19 19.59 79.38 -65.71
CA LEU A 19 19.69 78.89 -64.34
C LEU A 19 18.32 78.88 -63.64
N ALA A 20 17.63 80.02 -63.65
CA ALA A 20 16.32 80.12 -63.01
C ALA A 20 15.40 78.99 -63.48
N SER A 21 15.67 78.47 -64.68
CA SER A 21 14.89 77.36 -65.24
C SER A 21 15.47 76.09 -64.66
N GLU A 22 16.77 75.95 -64.83
CA GLU A 22 17.55 74.82 -64.34
C GLU A 22 17.08 74.41 -62.94
N LEU A 23 16.68 75.40 -62.14
CA LEU A 23 16.19 75.15 -60.78
C LEU A 23 14.75 74.66 -60.83
N LEU A 24 13.86 75.51 -61.33
CA LEU A 24 12.42 75.22 -61.44
C LEU A 24 12.01 73.79 -61.80
N GLU A 25 12.82 73.13 -62.62
CA GLU A 25 12.53 71.76 -63.05
C GLU A 25 12.96 70.73 -62.00
N TRP A 26 13.77 71.19 -61.04
CA TRP A 26 14.24 70.33 -59.96
C TRP A 26 13.14 70.26 -58.92
N ILE A 27 12.65 71.42 -58.48
CA ILE A 27 11.57 71.43 -57.50
C ILE A 27 10.40 70.69 -58.12
N ARG A 28 10.49 70.50 -59.44
CA ARG A 28 9.47 69.80 -60.21
C ARG A 28 9.64 68.30 -60.02
N ARG A 29 10.83 67.80 -60.38
CA ARG A 29 11.15 66.38 -60.28
C ARG A 29 11.26 65.89 -58.84
N THR A 30 11.46 66.82 -57.91
CA THR A 30 11.61 66.46 -56.51
C THR A 30 10.34 66.41 -55.67
N ILE A 31 9.40 67.32 -55.89
CA ILE A 31 8.17 67.30 -55.11
C ILE A 31 7.42 65.97 -55.16
N PRO A 32 7.63 65.17 -56.22
CA PRO A 32 6.94 63.88 -56.29
C PRO A 32 7.63 62.82 -55.44
N TRP A 33 8.96 62.86 -55.44
CA TRP A 33 9.79 61.93 -54.67
C TRP A 33 9.39 61.99 -53.19
N LEU A 34 9.34 63.19 -52.64
CA LEU A 34 8.89 63.37 -51.25
C LEU A 34 7.40 63.14 -51.46
N GLU A 35 6.59 63.50 -50.49
CA GLU A 35 5.13 63.38 -50.68
C GLU A 35 4.68 61.92 -50.81
N ASN A 36 5.59 61.05 -51.25
CA ASN A 36 5.33 59.62 -51.45
C ASN A 36 4.72 58.90 -50.24
N ARG A 37 5.56 58.59 -49.25
CA ARG A 37 5.10 57.92 -48.04
C ARG A 37 4.49 56.53 -48.21
N THR A 38 4.96 55.78 -49.20
CA THR A 38 4.46 54.42 -49.43
C THR A 38 5.32 53.43 -48.64
N PRO A 39 4.81 52.97 -47.47
CA PRO A 39 5.52 52.03 -46.59
C PRO A 39 6.32 50.93 -47.28
N GLU A 40 7.14 50.25 -46.49
CA GLU A 40 7.99 49.19 -47.01
C GLU A 40 7.82 47.87 -46.25
N LYS A 41 8.37 46.80 -46.83
CA LYS A 41 8.28 45.46 -46.24
C LYS A 41 8.98 45.35 -44.87
N THR A 42 10.27 45.09 -44.94
CA THR A 42 11.12 44.94 -43.76
C THR A 42 11.55 46.28 -43.19
N MET A 43 12.44 46.22 -42.21
CA MET A 43 12.97 47.44 -41.61
C MET A 43 14.23 47.78 -42.39
N GLN A 44 15.10 46.79 -42.49
CA GLN A 44 16.36 46.91 -43.21
C GLN A 44 16.20 47.60 -44.57
N ALA A 45 15.01 47.55 -45.15
CA ALA A 45 14.76 48.20 -46.43
C ALA A 45 14.16 49.57 -46.20
N MET A 46 13.42 49.68 -45.10
CA MET A 46 12.78 50.93 -44.74
C MET A 46 13.82 51.93 -44.24
N GLN A 47 15.01 51.46 -43.86
CA GLN A 47 16.02 52.40 -43.41
C GLN A 47 16.93 52.78 -44.56
N LYS A 48 16.92 51.99 -45.61
CA LYS A 48 17.72 52.34 -46.77
C LYS A 48 16.97 53.51 -47.40
N LYS A 49 15.68 53.61 -47.09
CA LYS A 49 14.85 54.70 -47.62
C LYS A 49 15.19 56.01 -46.91
N LEU A 50 15.66 55.89 -45.68
CA LEU A 50 16.06 57.06 -44.89
C LEU A 50 17.48 57.44 -45.28
N GLU A 51 18.26 56.47 -45.70
CA GLU A 51 19.62 56.76 -46.12
C GLU A 51 19.54 57.58 -47.41
N ASP A 52 18.45 57.43 -48.14
CA ASP A 52 18.25 58.17 -49.37
C ASP A 52 17.95 59.60 -49.01
N PHE A 53 17.06 59.78 -48.04
CA PHE A 53 16.69 61.11 -47.58
C PHE A 53 17.91 61.87 -47.11
N ARG A 54 18.78 61.21 -46.35
CA ARG A 54 19.99 61.86 -45.88
C ARG A 54 20.71 62.42 -47.10
N ASP A 55 21.17 61.54 -47.99
CA ASP A 55 21.87 61.98 -49.20
C ASP A 55 21.18 63.18 -49.82
N TYR A 56 19.85 63.20 -49.75
CA TYR A 56 19.08 64.31 -50.29
C TYR A 56 19.29 65.56 -49.46
N ARG A 57 18.65 65.59 -48.28
CA ARG A 57 18.74 66.74 -47.37
C ARG A 57 20.15 67.20 -47.07
N ARG A 58 21.13 66.31 -47.25
CA ARG A 58 22.51 66.67 -46.96
C ARG A 58 23.26 67.21 -48.17
N LYS A 59 23.54 66.37 -49.16
CA LYS A 59 24.29 66.84 -50.30
C LYS A 59 23.53 67.33 -51.53
N HIS A 60 22.24 67.06 -51.64
CA HIS A 60 21.49 67.52 -52.81
C HIS A 60 20.63 68.77 -52.60
N LYS A 61 19.92 68.86 -51.49
CA LYS A 61 19.06 70.02 -51.25
C LYS A 61 19.78 71.33 -50.93
N PRO A 62 20.80 71.30 -50.06
CA PRO A 62 21.50 72.55 -49.74
C PRO A 62 21.97 73.37 -50.95
N PRO A 63 22.78 72.78 -51.83
CA PRO A 63 23.25 73.51 -53.01
C PRO A 63 22.12 74.24 -53.74
N LYS A 64 20.92 73.68 -53.69
CA LYS A 64 19.76 74.32 -54.33
C LYS A 64 19.34 75.56 -53.54
N VAL A 65 19.34 75.47 -52.21
CA VAL A 65 18.96 76.61 -51.36
C VAL A 65 19.84 77.83 -51.66
N GLN A 66 21.13 77.58 -51.93
CA GLN A 66 22.07 78.66 -52.23
C GLN A 66 21.91 79.12 -53.67
N GLU A 67 21.14 78.35 -54.43
CA GLU A 67 20.88 78.70 -55.82
C GLU A 67 19.57 79.49 -55.90
N LYS A 68 18.69 79.25 -54.94
CA LYS A 68 17.43 79.98 -54.91
C LYS A 68 17.78 81.38 -54.48
N CYS A 69 18.83 81.47 -53.66
CA CYS A 69 19.31 82.75 -53.15
C CYS A 69 20.17 83.46 -54.18
N GLN A 70 21.06 82.70 -54.82
CA GLN A 70 21.93 83.25 -55.85
C GLN A 70 21.08 84.00 -56.86
N LEU A 71 19.94 83.41 -57.20
CA LEU A 71 18.98 84.03 -58.12
C LEU A 71 18.40 85.13 -57.23
N GLU A 72 17.64 86.06 -57.80
CA GLU A 72 17.07 87.15 -57.02
C GLU A 72 18.19 88.10 -56.58
N ILE A 73 19.38 87.55 -56.48
CA ILE A 73 20.55 88.34 -56.14
C ILE A 73 21.02 88.79 -57.52
N ASN A 74 20.77 87.92 -58.50
CA ASN A 74 21.10 88.22 -59.89
C ASN A 74 19.96 89.07 -60.42
N PHE A 75 18.79 88.91 -59.82
CA PHE A 75 17.60 89.68 -60.19
C PHE A 75 17.71 91.06 -59.55
N ASN A 76 18.92 91.44 -59.15
CA ASN A 76 19.16 92.75 -58.57
C ASN A 76 20.44 93.36 -59.10
N THR A 77 21.47 92.54 -59.22
CA THR A 77 22.74 92.99 -59.76
C THR A 77 22.51 93.32 -61.24
N LEU A 78 21.32 92.97 -61.72
CA LEU A 78 20.92 93.19 -63.12
C LEU A 78 19.60 93.97 -63.15
N GLN A 79 19.29 94.65 -62.05
CA GLN A 79 18.08 95.45 -61.96
C GLN A 79 18.48 96.83 -61.55
N THR A 80 19.03 96.91 -60.34
CA THR A 80 19.51 98.18 -59.84
C THR A 80 20.62 98.57 -60.80
N LYS A 81 21.24 97.59 -61.47
CA LYS A 81 22.32 97.86 -62.42
C LYS A 81 21.84 98.45 -63.74
N LEU A 82 20.66 98.04 -64.20
CA LEU A 82 20.15 98.60 -65.46
C LEU A 82 19.50 99.97 -65.21
N ARG A 83 19.55 100.43 -63.97
CA ARG A 83 19.02 101.73 -63.60
C ARG A 83 20.19 102.70 -63.73
N ILE A 84 21.37 102.18 -63.41
CA ILE A 84 22.62 102.93 -63.51
C ILE A 84 23.20 102.63 -64.90
N SER A 85 22.40 102.95 -65.91
CA SER A 85 22.73 102.76 -67.32
C SER A 85 21.44 103.08 -68.09
N ASN A 86 20.36 103.14 -67.33
CA ASN A 86 19.02 103.44 -67.84
C ASN A 86 18.60 102.82 -69.18
N ARG A 87 17.71 101.84 -69.07
CA ARG A 87 17.11 101.11 -70.19
C ARG A 87 16.35 99.95 -69.56
N PRO A 88 15.07 100.20 -69.18
CA PRO A 88 14.20 99.21 -68.55
C PRO A 88 14.73 97.78 -68.51
N ALA A 89 14.83 97.25 -67.28
CA ALA A 89 15.34 95.90 -67.04
C ALA A 89 14.47 94.82 -67.66
N PHE A 90 14.61 93.58 -67.18
CA PHE A 90 13.83 92.47 -67.72
C PHE A 90 13.25 91.55 -66.64
N MET A 91 12.00 91.14 -66.86
CA MET A 91 11.29 90.23 -65.96
C MET A 91 10.97 89.02 -66.86
N PRO A 92 12.02 88.31 -67.31
CA PRO A 92 12.03 87.13 -68.18
C PRO A 92 10.91 86.09 -68.08
N SER A 93 10.94 85.15 -69.01
CA SER A 93 9.98 84.06 -69.14
C SER A 93 8.89 84.04 -68.08
N GLU A 94 7.64 84.13 -68.52
CA GLU A 94 6.52 84.10 -67.58
C GLU A 94 6.49 82.69 -66.98
N GLY A 95 7.02 81.73 -67.73
CA GLY A 95 7.07 80.36 -67.24
C GLY A 95 8.32 80.16 -66.42
N LYS A 96 8.72 81.21 -65.70
CA LYS A 96 9.91 81.23 -64.85
C LYS A 96 9.88 82.48 -63.96
N MET A 97 8.70 82.80 -63.43
CA MET A 97 8.48 83.97 -62.58
C MET A 97 9.64 84.24 -61.62
N VAL A 98 9.81 85.50 -61.21
CA VAL A 98 10.89 85.85 -60.29
C VAL A 98 10.41 86.12 -58.87
N SER A 99 9.09 86.07 -58.68
CA SER A 99 8.49 86.28 -57.37
C SER A 99 7.71 85.04 -57.01
N ASP A 100 7.65 84.11 -57.95
CA ASP A 100 6.93 82.87 -57.72
C ASP A 100 7.82 81.70 -57.35
N ILE A 101 9.12 81.79 -57.59
CA ILE A 101 9.99 80.69 -57.18
C ILE A 101 9.86 80.63 -55.66
N ALA A 102 9.16 81.62 -55.12
CA ALA A 102 8.88 81.73 -53.69
C ALA A 102 7.81 80.72 -53.32
N GLY A 103 7.07 80.27 -54.33
CA GLY A 103 6.02 79.30 -54.12
C GLY A 103 6.49 77.93 -54.55
N ALA A 104 7.27 77.89 -55.63
CA ALA A 104 7.82 76.64 -56.17
C ALA A 104 8.70 75.97 -55.11
N TRP A 105 9.23 76.79 -54.20
CA TRP A 105 10.08 76.29 -53.14
C TRP A 105 9.17 76.05 -51.94
N GLN A 106 8.22 76.95 -51.72
CA GLN A 106 7.28 76.78 -50.62
C GLN A 106 6.48 75.51 -50.91
N ARG A 107 6.56 75.07 -52.16
CA ARG A 107 5.88 73.87 -52.61
C ARG A 107 6.71 72.68 -52.11
N LEU A 108 7.97 72.67 -52.53
CA LEU A 108 8.91 71.62 -52.13
C LEU A 108 8.92 71.50 -50.62
N GLU A 109 9.01 72.65 -49.94
CA GLU A 109 9.04 72.67 -48.49
C GLU A 109 7.79 71.99 -47.94
N GLN A 110 6.68 72.11 -48.66
CA GLN A 110 5.45 71.48 -48.21
C GLN A 110 5.56 69.97 -48.31
N ALA A 111 5.81 69.47 -49.51
CA ALA A 111 5.94 68.04 -49.77
C ALA A 111 6.95 67.35 -48.87
N GLU A 112 7.87 68.09 -48.30
CA GLU A 112 8.90 67.52 -47.43
C GLU A 112 8.40 67.44 -45.99
N LYS A 113 7.43 68.29 -45.68
CA LYS A 113 6.82 68.39 -44.34
C LYS A 113 7.30 67.40 -43.29
N GLY A 114 6.56 66.30 -43.10
CA GLY A 114 6.95 65.33 -42.08
C GLY A 114 7.52 64.03 -42.62
N TYR A 115 8.15 64.09 -43.80
CA TYR A 115 8.71 62.90 -44.42
C TYR A 115 9.71 62.15 -43.54
N GLU A 116 10.66 62.85 -42.93
CA GLU A 116 11.64 62.18 -42.07
C GLU A 116 10.96 61.71 -40.78
N GLU A 117 9.96 62.45 -40.34
CA GLU A 117 9.22 62.07 -39.14
C GLU A 117 8.58 60.71 -39.43
N TRP A 118 8.03 60.59 -40.64
CA TRP A 118 7.41 59.36 -41.08
C TRP A 118 8.48 58.27 -41.12
N LEU A 119 9.43 58.40 -42.04
CA LEU A 119 10.53 57.44 -42.16
C LEU A 119 10.98 56.88 -40.81
N LEU A 120 11.22 57.75 -39.83
CA LEU A 120 11.67 57.26 -38.54
C LEU A 120 10.63 56.37 -37.87
N ASN A 121 9.48 56.94 -37.54
CA ASN A 121 8.42 56.16 -36.91
C ASN A 121 8.23 54.77 -37.51
N GLU A 122 8.40 54.66 -38.83
CA GLU A 122 8.28 53.36 -39.48
C GLU A 122 9.47 52.49 -39.11
N ILE A 123 10.66 53.10 -39.09
CA ILE A 123 11.87 52.36 -38.72
C ILE A 123 11.58 51.81 -37.32
N ARG A 124 10.97 52.64 -36.48
CA ARG A 124 10.69 52.23 -35.13
C ARG A 124 9.58 51.20 -34.99
N ARG A 125 8.61 51.19 -35.89
CA ARG A 125 7.54 50.21 -35.77
C ARG A 125 8.11 48.87 -36.21
N LEU A 126 8.73 48.84 -37.40
CA LEU A 126 9.35 47.63 -37.91
C LEU A 126 10.44 47.15 -36.95
N GLU A 127 10.79 48.00 -35.99
CA GLU A 127 11.79 47.70 -34.98
C GLU A 127 11.11 46.69 -34.05
N ARG A 128 10.21 47.23 -33.22
CA ARG A 128 9.45 46.45 -32.26
C ARG A 128 8.82 45.25 -32.95
N LEU A 129 8.14 45.50 -34.07
CA LEU A 129 7.50 44.46 -34.83
C LEU A 129 8.43 43.29 -35.02
N GLU A 130 9.46 43.49 -35.83
CA GLU A 130 10.41 42.40 -36.11
C GLU A 130 10.86 41.66 -34.85
N HIS A 131 10.91 42.34 -33.72
CA HIS A 131 11.33 41.69 -32.48
C HIS A 131 10.23 40.78 -31.92
N LEU A 132 9.04 41.35 -31.73
CA LEU A 132 7.90 40.60 -31.22
C LEU A 132 7.59 39.39 -32.10
N ALA A 133 7.62 39.57 -33.41
CA ALA A 133 7.33 38.46 -34.31
C ALA A 133 8.23 37.29 -33.99
N GLU A 134 9.53 37.56 -33.91
CA GLU A 134 10.49 36.50 -33.61
C GLU A 134 10.29 35.94 -32.21
N LYS A 135 9.96 36.80 -31.26
CA LYS A 135 9.77 36.34 -29.90
C LYS A 135 8.58 35.42 -29.85
N PHE A 136 7.51 35.82 -30.54
CA PHE A 136 6.29 35.04 -30.59
C PHE A 136 6.60 33.68 -31.20
N ARG A 137 7.11 33.70 -32.42
CA ARG A 137 7.46 32.47 -33.07
C ARG A 137 8.21 31.52 -32.12
N GLN A 138 9.15 32.05 -31.35
CA GLN A 138 9.93 31.20 -30.42
C GLN A 138 9.21 30.77 -29.17
N LYS A 139 8.62 31.73 -28.48
CA LYS A 139 7.94 31.44 -27.24
C LYS A 139 6.74 30.50 -27.48
N ALA A 140 6.17 30.54 -28.68
CA ALA A 140 5.05 29.66 -29.03
C ALA A 140 5.57 28.26 -29.32
N SER A 141 6.56 28.17 -30.20
CA SER A 141 7.14 26.88 -30.55
C SER A 141 7.54 26.06 -29.33
N THR A 142 8.15 26.68 -28.33
CA THR A 142 8.55 25.87 -27.19
C THR A 142 7.35 25.41 -26.39
N HIS A 143 6.25 26.14 -26.46
CA HIS A 143 5.05 25.75 -25.71
C HIS A 143 4.35 24.61 -26.45
N GLU A 144 4.20 24.77 -27.75
CA GLU A 144 3.52 23.77 -28.56
C GLU A 144 4.28 22.47 -28.44
N THR A 145 5.60 22.57 -28.30
CA THR A 145 6.39 21.35 -28.18
C THR A 145 6.15 20.70 -26.84
N TRP A 146 5.96 21.51 -25.82
CA TRP A 146 5.70 20.97 -24.49
C TRP A 146 4.34 20.27 -24.47
N ALA A 147 3.37 20.89 -25.13
CA ALA A 147 2.01 20.39 -25.18
C ALA A 147 1.81 19.07 -25.91
N TYR A 148 2.51 18.86 -27.02
CA TYR A 148 2.34 17.61 -27.77
C TYR A 148 2.08 16.42 -26.86
N GLY A 149 1.06 15.65 -27.19
CA GLY A 149 0.74 14.48 -26.40
C GLY A 149 0.20 14.65 -25.00
N LYS A 150 0.40 15.81 -24.37
CA LYS A 150 -0.09 15.96 -23.01
C LYS A 150 -1.59 15.63 -22.87
N GLU A 151 -2.44 16.15 -23.74
CA GLU A 151 -3.87 15.85 -23.66
C GLU A 151 -4.15 14.36 -23.73
N GLN A 152 -3.53 13.66 -24.68
CA GLN A 152 -3.75 12.22 -24.78
C GLN A 152 -3.40 11.48 -23.49
N ILE A 153 -2.15 11.60 -23.02
CA ILE A 153 -1.79 10.87 -21.82
C ILE A 153 -2.71 11.27 -20.67
N LEU A 154 -3.27 12.48 -20.70
CA LEU A 154 -4.19 12.89 -19.63
C LEU A 154 -5.49 12.07 -19.68
N LEU A 155 -5.87 11.62 -20.88
CA LEU A 155 -7.10 10.83 -21.03
C LEU A 155 -6.93 9.34 -20.75
N GLN A 156 -5.69 8.87 -20.68
CA GLN A 156 -5.44 7.45 -20.39
C GLN A 156 -6.18 7.09 -19.11
N LYS A 157 -6.68 5.86 -19.01
CA LYS A 157 -7.43 5.48 -17.82
C LYS A 157 -6.75 4.43 -16.93
N ASP A 158 -5.47 4.25 -17.15
CA ASP A 158 -4.65 3.32 -16.37
C ASP A 158 -5.22 2.97 -14.99
N TYR A 159 -5.66 4.00 -14.27
CA TYR A 159 -6.18 3.86 -12.91
C TYR A 159 -7.39 2.97 -12.62
N GLU A 160 -7.96 2.33 -13.63
CA GLU A 160 -9.13 1.50 -13.38
C GLU A 160 -8.81 0.18 -12.69
N SER A 161 -7.83 -0.52 -13.24
CA SER A 161 -7.42 -1.80 -12.69
C SER A 161 -6.30 -1.64 -11.65
N ALA A 162 -6.17 -0.43 -11.12
CA ALA A 162 -5.13 -0.12 -10.14
C ALA A 162 -5.46 -0.52 -8.73
N SER A 163 -4.42 -0.63 -7.91
CA SER A 163 -4.55 -0.98 -6.50
C SER A 163 -4.56 0.32 -5.68
N LEU A 164 -5.06 0.24 -4.45
CA LEU A 164 -5.10 1.43 -3.63
C LEU A 164 -3.78 2.18 -3.64
N THR A 165 -2.67 1.44 -3.66
CA THR A 165 -1.34 2.10 -3.66
C THR A 165 -0.94 2.63 -5.03
N GLU A 166 -1.20 1.86 -6.09
CA GLU A 166 -0.86 2.29 -7.45
C GLU A 166 -1.58 3.60 -7.76
N VAL A 167 -2.86 3.65 -7.42
CA VAL A 167 -3.68 4.83 -7.65
C VAL A 167 -3.10 5.94 -6.80
N ARG A 168 -2.87 5.62 -5.53
CA ARG A 168 -2.32 6.59 -4.60
C ARG A 168 -1.01 7.15 -5.16
N ALA A 169 -0.29 6.35 -5.94
CA ALA A 169 0.96 6.79 -6.52
C ALA A 169 0.70 7.75 -7.67
N LEU A 170 -0.15 7.33 -8.62
CA LEU A 170 -0.48 8.16 -9.78
C LEU A 170 -0.99 9.49 -9.31
N LEU A 171 -1.74 9.46 -8.22
CA LEU A 171 -2.31 10.64 -7.63
C LEU A 171 -1.15 11.56 -7.29
N ARG A 172 -0.10 11.01 -6.72
CA ARG A 172 1.05 11.81 -6.34
C ARG A 172 1.85 12.28 -7.56
N LYS A 173 1.90 11.48 -8.62
CA LYS A 173 2.63 11.91 -9.80
C LYS A 173 1.78 12.97 -10.50
N HIS A 174 0.47 12.89 -10.29
CA HIS A 174 -0.43 13.82 -10.91
C HIS A 174 -0.21 15.18 -10.26
N GLU A 175 0.27 15.14 -9.02
CA GLU A 175 0.53 16.38 -8.30
C GLU A 175 1.66 17.10 -9.02
N ALA A 176 2.65 16.31 -9.42
CA ALA A 176 3.79 16.84 -10.14
C ALA A 176 3.26 17.53 -11.39
N PHE A 177 2.47 16.79 -12.16
CA PHE A 177 1.91 17.33 -13.39
C PHE A 177 1.17 18.63 -13.14
N GLU A 178 0.39 18.70 -12.09
CA GLU A 178 -0.33 19.93 -11.79
C GLU A 178 0.66 21.06 -11.54
N SER A 179 1.70 20.72 -10.79
CA SER A 179 2.76 21.67 -10.46
C SER A 179 3.36 22.19 -11.74
N ASP A 180 3.90 21.29 -12.56
CA ASP A 180 4.51 21.68 -13.82
C ASP A 180 3.53 22.44 -14.68
N LEU A 181 2.24 22.09 -14.59
CA LEU A 181 1.24 22.75 -15.38
C LEU A 181 1.16 24.22 -15.00
N ALA A 182 0.92 24.49 -13.72
CA ALA A 182 0.83 25.87 -13.23
C ALA A 182 2.08 26.68 -13.57
N ALA A 183 3.20 25.98 -13.72
CA ALA A 183 4.46 26.64 -14.06
C ALA A 183 4.29 27.46 -15.32
N HIS A 184 3.98 26.80 -16.41
CA HIS A 184 3.80 27.46 -17.69
C HIS A 184 2.63 28.44 -17.84
N GLN A 185 1.78 28.55 -16.82
CA GLN A 185 0.65 29.47 -16.88
C GLN A 185 1.11 30.80 -17.48
N ASP A 186 2.21 31.31 -16.95
CA ASP A 186 2.76 32.57 -17.42
C ASP A 186 3.04 32.59 -18.92
N ARG A 187 3.86 31.65 -19.39
CA ARG A 187 4.22 31.56 -20.80
C ARG A 187 3.02 31.72 -21.72
N VAL A 188 1.89 31.17 -21.31
CA VAL A 188 0.70 31.28 -22.12
C VAL A 188 0.22 32.73 -22.15
N GLU A 189 0.20 33.37 -20.98
CA GLU A 189 -0.24 34.77 -20.91
C GLU A 189 0.67 35.63 -21.78
N GLN A 190 1.97 35.34 -21.75
CA GLN A 190 2.90 36.10 -22.57
C GLN A 190 2.60 35.91 -24.04
N ILE A 191 2.48 34.65 -24.47
CA ILE A 191 2.21 34.34 -25.87
C ILE A 191 1.00 35.14 -26.35
N ALA A 192 0.03 35.31 -25.47
CA ALA A 192 -1.16 36.08 -25.81
C ALA A 192 -0.72 37.52 -26.02
N ALA A 193 -0.17 38.11 -24.96
CA ALA A 193 0.30 39.49 -25.00
C ALA A 193 1.13 39.84 -26.23
N ILE A 194 2.14 39.03 -26.56
CA ILE A 194 2.95 39.31 -27.73
C ILE A 194 2.09 39.35 -29.00
N ALA A 195 1.10 38.44 -29.10
CA ALA A 195 0.23 38.43 -30.28
C ALA A 195 -0.63 39.69 -30.27
N GLN A 196 -1.02 40.10 -29.06
CA GLN A 196 -1.82 41.29 -28.81
C GLN A 196 -1.17 42.54 -29.41
N GLU A 197 -0.01 42.88 -28.85
CA GLU A 197 0.75 44.03 -29.31
C GLU A 197 0.98 43.89 -30.81
N LEU A 198 1.38 42.69 -31.23
CA LEU A 198 1.63 42.41 -32.64
C LEU A 198 0.47 42.93 -33.52
N ASN A 199 -0.72 43.02 -32.93
CA ASN A 199 -1.87 43.52 -33.67
C ASN A 199 -1.80 45.03 -33.67
N GLU A 200 -1.81 45.61 -32.48
CA GLU A 200 -1.73 47.05 -32.32
C GLU A 200 -0.77 47.71 -33.31
N LEU A 201 0.26 46.98 -33.73
CA LEU A 201 1.24 47.52 -34.66
C LEU A 201 0.96 47.06 -36.08
N ASP A 202 -0.28 46.67 -36.33
CA ASP A 202 -0.67 46.19 -37.65
C ASP A 202 0.34 45.23 -38.27
N TYR A 203 0.84 44.28 -37.47
CA TYR A 203 1.79 43.29 -37.97
C TYR A 203 1.13 42.68 -39.24
N HIS A 204 1.91 42.55 -40.32
CA HIS A 204 1.33 42.05 -41.55
C HIS A 204 0.78 40.63 -41.45
N ASP A 205 1.24 39.87 -40.46
CA ASP A 205 0.79 38.50 -40.33
C ASP A 205 -0.11 38.30 -39.10
N ALA A 206 -0.61 39.41 -38.54
CA ALA A 206 -1.46 39.38 -37.36
C ALA A 206 -2.52 38.29 -37.46
N VAL A 207 -2.97 38.05 -38.68
CA VAL A 207 -3.97 37.05 -38.94
C VAL A 207 -3.51 35.69 -38.39
N ASN A 208 -2.43 35.18 -38.95
CA ASN A 208 -1.91 33.89 -38.52
C ASN A 208 -1.40 33.81 -37.09
N VAL A 209 -0.87 34.90 -36.54
CA VAL A 209 -0.39 34.79 -35.18
C VAL A 209 -1.61 34.70 -34.28
N ASN A 210 -2.66 35.43 -34.63
CA ASN A 210 -3.86 35.39 -33.83
C ASN A 210 -4.48 34.01 -33.82
N ASP A 211 -4.33 33.29 -34.91
CA ASP A 211 -4.88 31.96 -34.99
C ASP A 211 -4.05 31.01 -34.12
N ARG A 212 -2.74 30.96 -34.40
CA ARG A 212 -1.81 30.14 -33.66
C ARG A 212 -1.95 30.37 -32.17
N CYS A 213 -2.16 31.62 -31.78
CA CYS A 213 -2.34 31.96 -30.38
C CYS A 213 -3.67 31.42 -29.86
N GLN A 214 -4.72 31.56 -30.68
CA GLN A 214 -6.05 31.10 -30.31
C GLN A 214 -6.02 29.62 -29.99
N LYS A 215 -5.44 28.83 -30.89
CA LYS A 215 -5.34 27.41 -30.65
C LYS A 215 -4.69 27.20 -29.28
N ILE A 216 -3.51 27.78 -29.08
CA ILE A 216 -2.82 27.62 -27.82
C ILE A 216 -3.72 27.93 -26.62
N CYS A 217 -4.43 29.04 -26.63
CA CYS A 217 -5.29 29.35 -25.51
C CYS A 217 -6.46 28.38 -25.35
N ASP A 218 -6.98 27.88 -26.47
CA ASP A 218 -8.10 26.93 -26.41
C ASP A 218 -7.59 25.66 -25.75
N GLN A 219 -6.45 25.17 -26.25
CA GLN A 219 -5.84 23.98 -25.70
C GLN A 219 -5.59 24.12 -24.21
N TRP A 220 -4.98 25.25 -23.82
CA TRP A 220 -4.69 25.51 -22.43
C TRP A 220 -5.91 25.28 -21.53
N ASP A 221 -7.06 25.72 -21.99
CA ASP A 221 -8.29 25.57 -21.23
C ASP A 221 -8.71 24.13 -21.20
N ARG A 222 -8.76 23.51 -22.37
CA ARG A 222 -9.14 22.12 -22.48
C ARG A 222 -8.21 21.35 -21.51
N LEU A 223 -6.93 21.66 -21.60
CA LEU A 223 -5.87 21.05 -20.77
C LEU A 223 -6.15 21.21 -19.30
N GLY A 224 -6.60 22.40 -18.92
CA GLY A 224 -6.90 22.67 -17.53
C GLY A 224 -7.98 21.75 -16.99
N THR A 225 -9.13 21.74 -17.62
CA THR A 225 -10.20 20.87 -17.13
C THR A 225 -9.85 19.40 -17.34
N LEU A 226 -9.18 19.09 -18.43
CA LEU A 226 -8.79 17.71 -18.69
C LEU A 226 -7.95 17.25 -17.50
N THR A 227 -7.14 18.17 -16.97
CA THR A 227 -6.30 17.86 -15.82
C THR A 227 -7.13 17.71 -14.55
N GLN A 228 -8.24 18.43 -14.47
CA GLN A 228 -9.08 18.34 -13.29
C GLN A 228 -9.95 17.09 -13.30
N LYS A 229 -10.30 16.59 -14.47
CA LYS A 229 -11.08 15.37 -14.51
C LYS A 229 -10.23 14.34 -13.77
N ARG A 230 -9.01 14.13 -14.25
CA ARG A 230 -8.07 13.16 -13.64
C ARG A 230 -8.04 13.20 -12.13
N ARG A 231 -7.74 14.36 -11.56
CA ARG A 231 -7.68 14.46 -10.11
C ARG A 231 -8.92 13.87 -9.50
N GLU A 232 -10.07 14.20 -10.07
CA GLU A 232 -11.33 13.69 -9.56
C GLU A 232 -11.41 12.17 -9.68
N ALA A 233 -11.15 11.65 -10.87
CA ALA A 233 -11.20 10.21 -11.07
C ALA A 233 -10.26 9.49 -10.11
N LEU A 234 -9.02 9.97 -10.03
CA LEU A 234 -8.02 9.36 -9.14
C LEU A 234 -8.48 9.49 -7.71
N GLU A 235 -8.99 10.65 -7.34
CA GLU A 235 -9.46 10.84 -5.98
C GLU A 235 -10.66 9.93 -5.68
N ARG A 236 -11.46 9.68 -6.71
CA ARG A 236 -12.63 8.85 -6.57
C ARG A 236 -12.20 7.41 -6.45
N MET A 237 -11.33 6.98 -7.35
CA MET A 237 -10.86 5.61 -7.34
C MET A 237 -10.23 5.26 -5.99
N GLU A 238 -9.45 6.19 -5.44
CA GLU A 238 -8.80 5.99 -4.16
C GLU A 238 -9.89 5.75 -3.13
N LYS A 239 -10.92 6.59 -3.15
CA LYS A 239 -12.02 6.44 -2.21
C LYS A 239 -12.59 5.03 -2.22
N LEU A 240 -12.94 4.53 -3.40
CA LEU A 240 -13.50 3.19 -3.47
C LEU A 240 -12.55 2.15 -2.90
N LEU A 241 -11.39 1.98 -3.54
CA LEU A 241 -10.40 1.02 -3.09
C LEU A 241 -10.14 1.10 -1.59
N GLU A 242 -10.14 2.31 -1.05
CA GLU A 242 -9.91 2.51 0.38
C GLU A 242 -11.04 1.81 1.14
N THR A 243 -12.27 1.97 0.67
CA THR A 243 -13.45 1.37 1.30
C THR A 243 -13.41 -0.14 1.17
N ILE A 244 -13.20 -0.64 -0.04
CA ILE A 244 -13.17 -2.07 -0.25
C ILE A 244 -12.08 -2.70 0.61
N ASP A 245 -10.98 -1.99 0.79
CA ASP A 245 -9.87 -2.52 1.58
C ASP A 245 -10.28 -2.63 3.05
N GLN A 246 -10.92 -1.59 3.56
CA GLN A 246 -11.37 -1.56 4.94
C GLN A 246 -12.22 -2.80 5.19
N LEU A 247 -13.21 -2.99 4.33
CA LEU A 247 -14.09 -4.13 4.45
C LEU A 247 -13.29 -5.45 4.48
N HIS A 248 -12.47 -5.67 3.46
CA HIS A 248 -11.66 -6.89 3.40
C HIS A 248 -10.91 -7.11 4.71
N LEU A 249 -10.32 -6.04 5.20
CA LEU A 249 -9.55 -6.10 6.43
C LEU A 249 -10.45 -6.54 7.58
N GLU A 250 -11.58 -5.86 7.73
CA GLU A 250 -12.51 -6.19 8.81
C GLU A 250 -12.88 -7.65 8.71
N PHE A 251 -13.32 -8.05 7.53
CA PHE A 251 -13.68 -9.44 7.33
C PHE A 251 -12.57 -10.38 7.83
N ALA A 252 -11.34 -10.12 7.39
CA ALA A 252 -10.23 -10.98 7.81
C ALA A 252 -10.07 -11.03 9.32
N LYS A 253 -10.11 -9.86 9.96
CA LYS A 253 -9.93 -9.76 11.40
C LYS A 253 -10.99 -10.54 12.17
N ARG A 254 -12.10 -10.83 11.52
CA ARG A 254 -13.16 -11.54 12.20
C ARG A 254 -13.38 -12.98 11.77
N ALA A 255 -13.06 -13.31 10.52
CA ALA A 255 -13.26 -14.67 10.05
C ALA A 255 -12.23 -15.59 10.70
N ALA A 256 -11.06 -15.03 10.99
CA ALA A 256 -9.99 -15.82 11.58
C ALA A 256 -10.47 -16.40 12.89
N PRO A 257 -10.65 -15.55 13.91
CA PRO A 257 -11.11 -16.03 15.22
C PRO A 257 -12.32 -16.92 15.12
N PHE A 258 -13.28 -16.52 14.29
CA PHE A 258 -14.49 -17.30 14.11
C PHE A 258 -14.19 -18.64 13.48
N ASN A 259 -13.13 -18.72 12.68
CA ASN A 259 -12.82 -19.99 12.05
C ASN A 259 -12.16 -20.91 13.07
N ASN A 260 -11.46 -20.33 14.03
CA ASN A 260 -10.83 -21.12 15.07
C ASN A 260 -11.90 -21.74 15.94
N TRP A 261 -12.94 -20.96 16.24
CA TRP A 261 -14.06 -21.40 17.07
C TRP A 261 -14.77 -22.59 16.44
N MET A 262 -15.08 -22.48 15.17
CA MET A 262 -15.76 -23.59 14.53
C MET A 262 -14.92 -24.85 14.58
N GLU A 263 -13.63 -24.71 14.31
CA GLU A 263 -12.72 -25.86 14.31
C GLU A 263 -12.69 -26.43 15.72
N GLY A 264 -12.56 -25.55 16.72
CA GLY A 264 -12.54 -26.00 18.11
C GLY A 264 -13.79 -26.78 18.49
N ALA A 265 -14.94 -26.25 18.11
CA ALA A 265 -16.20 -26.89 18.39
C ALA A 265 -16.25 -28.26 17.75
N MET A 266 -16.00 -28.33 16.46
CA MET A 266 -16.06 -29.60 15.78
C MET A 266 -15.26 -30.65 16.55
N GLU A 267 -14.16 -30.24 17.17
CA GLU A 267 -13.40 -31.22 17.94
C GLU A 267 -14.18 -31.58 19.19
N ASP A 268 -14.44 -30.60 20.06
CA ASP A 268 -15.21 -30.87 21.27
C ASP A 268 -16.40 -31.82 21.04
N LEU A 269 -17.27 -31.48 20.09
CA LEU A 269 -18.44 -32.31 19.79
C LEU A 269 -18.13 -33.72 19.37
N GLN A 270 -16.86 -34.09 19.31
CA GLN A 270 -16.53 -35.46 18.89
C GLN A 270 -15.55 -36.15 19.81
N ASP A 271 -15.14 -35.41 20.83
CA ASP A 271 -14.18 -35.92 21.78
C ASP A 271 -14.73 -37.19 22.42
N MET A 272 -13.91 -38.26 22.37
CA MET A 272 -14.30 -39.54 22.96
C MET A 272 -14.28 -39.41 24.48
N PHE A 273 -15.23 -40.07 25.14
CA PHE A 273 -15.31 -40.01 26.60
C PHE A 273 -15.65 -41.38 27.17
N ILE A 274 -15.33 -41.57 28.45
CA ILE A 274 -15.61 -42.83 29.11
C ILE A 274 -15.98 -42.54 30.55
N VAL A 275 -17.12 -43.05 31.00
CA VAL A 275 -17.56 -42.80 32.38
C VAL A 275 -18.01 -44.07 33.08
N HIS A 276 -18.29 -43.96 34.37
CA HIS A 276 -18.75 -45.12 35.12
C HIS A 276 -19.82 -44.76 36.18
N SER A 277 -20.24 -43.50 36.19
CA SER A 277 -21.24 -43.04 37.14
C SER A 277 -22.17 -42.02 36.51
N ILE A 278 -23.39 -41.95 37.01
CA ILE A 278 -24.36 -41.01 36.51
C ILE A 278 -23.82 -39.59 36.64
N GLU A 279 -23.12 -39.31 37.75
CA GLU A 279 -22.59 -37.98 37.99
C GLU A 279 -21.61 -37.57 36.89
N GLU A 280 -20.77 -38.50 36.50
CA GLU A 280 -19.79 -38.24 35.46
C GLU A 280 -20.47 -37.83 34.16
N ILE A 281 -21.33 -38.70 33.63
CA ILE A 281 -22.03 -38.43 32.40
C ILE A 281 -22.87 -37.15 32.44
N GLN A 282 -23.19 -36.66 33.63
CA GLN A 282 -24.00 -35.46 33.73
C GLN A 282 -23.14 -34.21 33.60
N SER A 283 -21.90 -34.30 34.05
CA SER A 283 -20.99 -33.17 33.90
C SER A 283 -20.82 -32.93 32.40
N LEU A 284 -20.68 -34.03 31.66
CA LEU A 284 -20.54 -33.99 30.22
C LEU A 284 -21.78 -33.34 29.61
N ILE A 285 -22.94 -33.61 30.23
CA ILE A 285 -24.19 -33.05 29.74
C ILE A 285 -24.30 -31.58 30.11
N THR A 286 -23.90 -31.22 31.32
CA THR A 286 -23.97 -29.82 31.72
C THR A 286 -23.10 -29.00 30.77
N ALA A 287 -21.94 -29.55 30.46
CA ALA A 287 -21.00 -28.88 29.58
C ALA A 287 -21.61 -28.65 28.22
N HIS A 288 -22.01 -29.73 27.57
CA HIS A 288 -22.59 -29.67 26.23
C HIS A 288 -23.78 -28.72 26.17
N GLU A 289 -24.54 -28.68 27.26
CA GLU A 289 -25.70 -27.83 27.39
C GLU A 289 -25.21 -26.38 27.30
N GLN A 290 -24.20 -26.04 28.08
CA GLN A 290 -23.67 -24.69 28.07
C GLN A 290 -23.09 -24.34 26.72
N PHE A 291 -22.47 -25.31 26.06
CA PHE A 291 -21.91 -25.03 24.75
C PHE A 291 -23.06 -24.58 23.86
N LYS A 292 -24.06 -25.45 23.70
CA LYS A 292 -25.22 -25.15 22.87
C LYS A 292 -25.81 -23.77 23.20
N ALA A 293 -25.60 -23.35 24.43
CA ALA A 293 -26.12 -22.04 24.85
C ALA A 293 -25.40 -20.93 24.11
N THR A 294 -24.21 -21.20 23.60
CA THR A 294 -23.44 -20.17 22.92
C THR A 294 -23.77 -20.15 21.43
N LEU A 295 -24.37 -21.23 20.94
CA LEU A 295 -24.73 -21.30 19.52
C LEU A 295 -25.49 -20.09 19.00
N PRO A 296 -26.44 -19.54 19.79
CA PRO A 296 -27.17 -18.38 19.29
C PRO A 296 -26.26 -17.26 18.81
N GLU A 297 -25.52 -16.64 19.73
CA GLU A 297 -24.67 -15.54 19.35
C GLU A 297 -23.61 -15.95 18.32
N ALA A 298 -23.28 -17.24 18.31
CA ALA A 298 -22.33 -17.77 17.34
C ALA A 298 -22.89 -17.50 15.96
N ASP A 299 -24.16 -17.80 15.79
CA ASP A 299 -24.83 -17.56 14.51
C ASP A 299 -24.87 -16.05 14.29
N GLY A 300 -24.94 -15.30 15.38
CA GLY A 300 -24.99 -13.85 15.27
C GLY A 300 -23.77 -13.45 14.47
N GLU A 301 -22.60 -13.71 15.05
CA GLU A 301 -21.32 -13.41 14.42
C GLU A 301 -21.23 -13.96 13.00
N ARG A 302 -21.71 -15.18 12.80
CA ARG A 302 -21.67 -15.78 11.48
C ARG A 302 -22.31 -14.84 10.49
N GLN A 303 -23.59 -14.53 10.70
CA GLN A 303 -24.28 -13.63 9.79
C GLN A 303 -23.58 -12.27 9.69
N SER A 304 -23.21 -11.70 10.83
CA SER A 304 -22.55 -10.41 10.84
C SER A 304 -21.34 -10.40 9.87
N ILE A 305 -20.56 -11.47 9.91
CA ILE A 305 -19.40 -11.61 9.05
C ILE A 305 -19.86 -11.71 7.61
N MET A 306 -20.90 -12.51 7.36
CA MET A 306 -21.43 -12.67 6.01
C MET A 306 -21.93 -11.34 5.48
N ALA A 307 -22.23 -10.41 6.39
CA ALA A 307 -22.69 -9.09 5.99
C ALA A 307 -21.51 -8.34 5.39
N ILE A 308 -20.46 -8.23 6.17
CA ILE A 308 -19.26 -7.55 5.73
C ILE A 308 -18.93 -7.98 4.31
N GLN A 309 -18.91 -9.28 4.04
CA GLN A 309 -18.60 -9.77 2.72
C GLN A 309 -19.56 -9.21 1.68
N ASN A 310 -20.85 -9.24 1.98
CA ASN A 310 -21.84 -8.74 1.04
C ASN A 310 -21.63 -7.29 0.61
N GLU A 311 -21.31 -6.40 1.55
CA GLU A 311 -21.11 -5.01 1.17
C GLU A 311 -19.95 -4.94 0.18
N VAL A 312 -18.83 -5.54 0.53
CA VAL A 312 -17.66 -5.58 -0.34
C VAL A 312 -18.14 -5.91 -1.74
N GLU A 313 -18.62 -7.14 -1.90
CA GLU A 313 -19.09 -7.60 -3.19
C GLU A 313 -20.14 -6.68 -3.80
N LYS A 314 -20.78 -5.88 -2.97
CA LYS A 314 -21.79 -4.97 -3.46
C LYS A 314 -21.15 -3.71 -4.04
N VAL A 315 -20.35 -2.99 -3.25
CA VAL A 315 -19.73 -1.76 -3.75
C VAL A 315 -18.96 -2.07 -5.03
N ILE A 316 -18.22 -3.16 -5.03
CA ILE A 316 -17.47 -3.54 -6.22
C ILE A 316 -18.49 -3.58 -7.37
N GLN A 317 -19.44 -4.48 -7.28
CA GLN A 317 -20.47 -4.64 -8.30
C GLN A 317 -21.19 -3.37 -8.75
N SER A 318 -21.31 -2.37 -7.88
CA SER A 318 -21.99 -1.15 -8.25
C SER A 318 -21.05 -0.05 -8.74
N TYR A 319 -20.00 -0.46 -9.43
CA TYR A 319 -19.00 0.46 -9.99
C TYR A 319 -18.22 -0.31 -11.05
N ASN A 320 -18.75 -1.47 -11.46
CA ASN A 320 -18.08 -2.34 -12.44
C ASN A 320 -16.56 -2.16 -12.36
N ILE A 321 -16.05 -2.22 -11.13
CA ILE A 321 -14.63 -2.06 -10.84
C ILE A 321 -13.86 -3.38 -10.78
N ARG A 322 -12.60 -3.32 -11.18
CA ARG A 322 -11.73 -4.49 -11.16
C ARG A 322 -11.44 -4.91 -9.72
N ILE A 323 -10.38 -5.69 -9.53
CA ILE A 323 -9.98 -6.19 -8.21
C ILE A 323 -10.86 -7.36 -7.76
N SER A 324 -10.39 -8.58 -8.03
CA SER A 324 -11.10 -9.78 -7.65
C SER A 324 -11.59 -9.64 -6.21
N SER A 325 -12.90 -9.77 -6.02
CA SER A 325 -13.50 -9.67 -4.69
C SER A 325 -12.64 -10.34 -3.63
N SER A 326 -11.77 -11.27 -4.06
CA SER A 326 -10.89 -12.01 -3.14
C SER A 326 -10.16 -11.13 -2.13
N ASN A 327 -10.18 -11.58 -0.88
CA ASN A 327 -9.60 -10.87 0.26
C ASN A 327 -8.11 -11.09 0.46
N PRO A 328 -7.30 -10.06 0.18
CA PRO A 328 -5.85 -10.18 0.34
C PRO A 328 -5.42 -10.52 1.76
N TYR A 329 -6.20 -10.07 2.74
CA TYR A 329 -5.84 -10.31 4.13
C TYR A 329 -6.33 -11.62 4.71
N SER A 330 -7.12 -12.38 3.97
CA SER A 330 -7.59 -13.63 4.55
C SER A 330 -7.69 -14.80 3.62
N THR A 331 -7.30 -15.95 4.16
CA THR A 331 -7.34 -17.20 3.43
C THR A 331 -8.75 -17.76 3.31
N VAL A 332 -9.37 -18.05 4.45
CA VAL A 332 -10.71 -18.63 4.52
C VAL A 332 -11.79 -17.84 3.79
N THR A 333 -12.50 -18.52 2.89
CA THR A 333 -13.58 -17.92 2.10
C THR A 333 -14.89 -17.87 2.87
N MET A 334 -15.86 -17.12 2.36
CA MET A 334 -17.16 -17.01 3.00
C MET A 334 -17.94 -18.30 2.75
N ASP A 335 -17.72 -18.91 1.59
CA ASP A 335 -18.40 -20.14 1.24
C ASP A 335 -17.93 -21.35 2.04
N GLU A 336 -16.63 -21.42 2.35
CA GLU A 336 -16.14 -22.55 3.12
C GLU A 336 -16.43 -22.25 4.58
N LEU A 337 -16.68 -20.98 4.87
CA LEU A 337 -16.99 -20.56 6.21
C LEU A 337 -18.35 -21.13 6.56
N ARG A 338 -19.23 -21.21 5.57
CA ARG A 338 -20.56 -21.73 5.80
C ARG A 338 -20.55 -23.23 5.96
N THR A 339 -19.81 -23.93 5.11
CA THR A 339 -19.73 -25.38 5.18
C THR A 339 -19.31 -25.81 6.60
N LYS A 340 -18.35 -25.08 7.16
CA LYS A 340 -17.87 -25.38 8.50
C LYS A 340 -19.07 -25.31 9.44
N TRP A 341 -19.69 -24.14 9.50
CA TRP A 341 -20.86 -23.92 10.37
C TRP A 341 -21.89 -25.04 10.25
N ASP A 342 -22.17 -25.47 9.02
CA ASP A 342 -23.12 -26.54 8.84
C ASP A 342 -22.62 -27.77 9.58
N LYS A 343 -21.34 -28.05 9.49
CA LYS A 343 -20.79 -29.21 10.18
C LYS A 343 -21.02 -29.11 11.68
N VAL A 344 -20.67 -27.98 12.28
CA VAL A 344 -20.88 -27.79 13.70
C VAL A 344 -22.30 -28.23 13.99
N LYS A 345 -23.24 -27.57 13.34
CA LYS A 345 -24.66 -27.87 13.47
C LYS A 345 -24.92 -29.37 13.38
N GLN A 346 -24.62 -29.97 12.24
CA GLN A 346 -24.83 -31.40 12.08
C GLN A 346 -24.27 -32.24 13.23
N LEU A 347 -23.18 -31.78 13.85
CA LEU A 347 -22.58 -32.53 14.94
C LEU A 347 -23.31 -32.44 16.26
N VAL A 348 -24.02 -31.35 16.51
CA VAL A 348 -24.74 -31.21 17.76
C VAL A 348 -25.75 -32.35 18.02
N PRO A 349 -26.76 -32.52 17.15
CA PRO A 349 -27.70 -33.62 17.40
C PRO A 349 -27.02 -34.97 17.54
N ILE A 350 -25.87 -35.15 16.91
CA ILE A 350 -25.19 -36.44 17.02
C ILE A 350 -24.59 -36.58 18.42
N ARG A 351 -24.06 -35.47 18.94
CA ARG A 351 -23.44 -35.46 20.26
C ARG A 351 -24.43 -35.70 21.36
N ASP A 352 -25.52 -34.96 21.36
CA ASP A 352 -26.44 -35.20 22.45
C ASP A 352 -27.05 -36.57 22.30
N GLN A 353 -27.28 -37.01 21.08
CA GLN A 353 -27.82 -38.36 20.91
C GLN A 353 -26.80 -39.34 21.53
N SER A 354 -25.53 -39.01 21.42
CA SER A 354 -24.50 -39.87 21.98
C SER A 354 -24.53 -39.78 23.49
N LEU A 355 -24.55 -38.54 23.99
CA LEU A 355 -24.59 -38.25 25.42
C LEU A 355 -25.82 -38.94 26.04
N GLN A 356 -26.93 -38.90 25.31
CA GLN A 356 -28.18 -39.49 25.73
C GLN A 356 -28.02 -40.98 26.02
N GLU A 357 -27.43 -41.71 25.09
CA GLU A 357 -27.28 -43.14 25.30
C GLU A 357 -26.45 -43.50 26.53
N GLU A 358 -25.40 -42.74 26.85
CA GLU A 358 -24.60 -43.06 28.03
C GLU A 358 -25.39 -42.83 29.30
N LEU A 359 -26.18 -41.75 29.31
CA LEU A 359 -27.01 -41.43 30.46
C LEU A 359 -27.91 -42.65 30.72
N ALA A 360 -28.55 -43.16 29.68
CA ALA A 360 -29.40 -44.34 29.83
C ALA A 360 -28.58 -45.47 30.42
N ARG A 361 -27.42 -45.72 29.81
CA ARG A 361 -26.53 -46.77 30.27
C ARG A 361 -26.24 -46.61 31.76
N GLN A 362 -25.79 -45.43 32.19
CA GLN A 362 -25.47 -45.24 33.60
C GLN A 362 -26.71 -45.47 34.48
N HIS A 363 -27.86 -44.97 34.04
CA HIS A 363 -29.06 -45.18 34.83
C HIS A 363 -29.34 -46.68 34.89
N ALA A 364 -29.31 -47.35 33.74
CA ALA A 364 -29.56 -48.78 33.73
C ALA A 364 -28.63 -49.47 34.74
N ASN A 365 -27.39 -49.02 34.80
CA ASN A 365 -26.41 -49.57 35.71
C ASN A 365 -26.83 -49.36 37.16
N GLU A 366 -27.25 -48.15 37.51
CA GLU A 366 -27.67 -47.88 38.89
C GLU A 366 -28.79 -48.80 39.30
N ARG A 367 -29.73 -49.02 38.38
CA ARG A 367 -30.84 -49.91 38.65
C ARG A 367 -30.28 -51.26 39.09
N LEU A 368 -29.39 -51.84 38.29
CA LEU A 368 -28.83 -53.11 38.69
C LEU A 368 -28.12 -52.97 40.05
N ARG A 369 -27.43 -51.86 40.25
CA ARG A 369 -26.72 -51.68 41.51
C ARG A 369 -27.70 -51.72 42.68
N ARG A 370 -28.75 -50.92 42.58
CA ARG A 370 -29.76 -50.84 43.64
C ARG A 370 -30.43 -52.19 43.86
N GLN A 371 -30.97 -52.77 42.79
CA GLN A 371 -31.63 -54.07 42.88
C GLN A 371 -30.76 -55.12 43.56
N PHE A 372 -29.46 -55.09 43.30
CA PHE A 372 -28.59 -56.05 43.93
C PHE A 372 -28.52 -55.76 45.43
N ALA A 373 -28.31 -54.49 45.75
CA ALA A 373 -28.16 -54.05 47.14
C ALA A 373 -29.38 -54.41 47.99
N ALA A 374 -30.55 -54.08 47.47
CA ALA A 374 -31.79 -54.33 48.16
C ALA A 374 -31.84 -55.77 48.65
N GLN A 375 -31.60 -56.71 47.74
CA GLN A 375 -31.65 -58.13 48.07
C GLN A 375 -30.56 -58.58 49.01
N ALA A 376 -29.32 -58.21 48.70
CA ALA A 376 -28.23 -58.62 49.56
C ALA A 376 -28.43 -58.10 50.96
N ASN A 377 -28.90 -56.86 51.10
CA ASN A 377 -29.11 -56.26 52.42
C ASN A 377 -30.19 -56.99 53.23
N ALA A 378 -30.96 -57.83 52.56
CA ALA A 378 -31.99 -58.61 53.25
C ALA A 378 -31.43 -60.00 53.51
N ILE A 379 -30.89 -60.63 52.48
CA ILE A 379 -30.33 -61.95 52.60
C ILE A 379 -29.22 -62.00 53.63
N GLY A 380 -28.36 -60.99 53.61
CA GLY A 380 -27.26 -60.96 54.55
C GLY A 380 -27.74 -61.24 55.95
N PRO A 381 -28.48 -60.30 56.55
CA PRO A 381 -28.99 -60.50 57.91
C PRO A 381 -29.80 -61.78 58.08
N TRP A 382 -30.58 -62.16 57.08
CA TRP A 382 -31.38 -63.37 57.22
C TRP A 382 -30.47 -64.57 57.53
N ILE A 383 -29.37 -64.69 56.79
CA ILE A 383 -28.45 -65.80 57.02
C ILE A 383 -27.84 -65.66 58.41
N GLN A 384 -27.52 -64.43 58.81
CA GLN A 384 -26.94 -64.22 60.12
C GLN A 384 -27.95 -64.63 61.20
N ASN A 385 -29.20 -64.26 61.01
CA ASN A 385 -30.21 -64.60 61.99
C ASN A 385 -30.36 -66.09 62.16
N LYS A 386 -30.39 -66.86 61.07
CA LYS A 386 -30.57 -68.30 61.20
C LYS A 386 -29.40 -68.96 61.89
N MET A 387 -28.19 -68.47 61.67
CA MET A 387 -27.04 -69.05 62.35
C MET A 387 -27.29 -68.97 63.85
N GLU A 388 -27.79 -67.82 64.30
CA GLU A 388 -28.05 -67.62 65.71
C GLU A 388 -29.15 -68.58 66.21
N GLU A 389 -30.21 -68.76 65.43
CA GLU A 389 -31.29 -69.66 65.84
C GLU A 389 -30.79 -71.10 65.98
N ILE A 390 -29.89 -71.50 65.08
CA ILE A 390 -29.33 -72.83 65.14
C ILE A 390 -28.37 -72.85 66.32
N ALA A 391 -27.55 -71.81 66.43
CA ALA A 391 -26.57 -71.73 67.50
C ALA A 391 -27.22 -71.97 68.85
N ARG A 392 -28.53 -71.73 68.93
CA ARG A 392 -29.26 -71.98 70.16
C ARG A 392 -29.88 -73.36 70.01
N SER A 393 -31.20 -73.44 69.90
CA SER A 393 -31.88 -74.72 69.71
C SER A 393 -31.58 -75.80 70.76
N SER A 394 -30.44 -75.70 71.45
CA SER A 394 -30.08 -76.65 72.50
C SER A 394 -31.03 -76.52 73.68
N ILE A 395 -31.34 -75.26 74.03
CA ILE A 395 -32.22 -74.92 75.15
C ILE A 395 -33.40 -75.86 75.42
N GLN A 396 -34.58 -75.55 74.91
CA GLN A 396 -35.72 -76.42 75.15
C GLN A 396 -36.13 -76.58 76.63
N ILE A 397 -37.35 -76.16 76.94
CA ILE A 397 -37.91 -76.25 78.28
C ILE A 397 -38.05 -77.70 78.74
N THR A 398 -38.28 -78.60 77.78
CA THR A 398 -38.48 -80.02 78.07
C THR A 398 -37.26 -80.87 78.38
N GLY A 399 -36.12 -80.57 77.77
CA GLY A 399 -34.95 -81.40 78.01
C GLY A 399 -34.57 -81.90 76.64
N ALA A 400 -33.55 -81.24 76.10
CA ALA A 400 -32.99 -81.47 74.76
C ALA A 400 -33.51 -82.59 73.82
N LEU A 401 -32.64 -82.87 72.87
CA LEU A 401 -32.81 -83.87 71.84
C LEU A 401 -34.07 -83.81 70.99
N GLU A 402 -35.02 -84.71 71.21
CA GLU A 402 -36.20 -84.72 70.37
C GLU A 402 -36.74 -83.33 70.09
N ASP A 403 -36.79 -82.47 71.10
CA ASP A 403 -37.33 -81.15 70.84
C ASP A 403 -36.35 -80.22 70.13
N GLN A 404 -35.05 -80.48 70.29
CA GLN A 404 -34.05 -79.70 69.59
C GLN A 404 -34.07 -80.11 68.12
N MET A 405 -34.21 -81.41 67.87
CA MET A 405 -34.24 -81.94 66.52
C MET A 405 -35.44 -81.36 65.81
N ASN A 406 -36.58 -81.43 66.46
CA ASN A 406 -37.81 -80.90 65.86
C ASN A 406 -37.59 -79.48 65.31
N GLN A 407 -36.81 -78.70 66.04
CA GLN A 407 -36.53 -77.32 65.67
C GLN A 407 -35.51 -77.25 64.53
N LEU A 408 -34.45 -78.03 64.63
CA LEU A 408 -33.45 -78.03 63.58
C LEU A 408 -34.12 -78.36 62.25
N LYS A 409 -35.02 -79.34 62.25
CA LYS A 409 -35.68 -79.71 61.01
C LYS A 409 -36.53 -78.57 60.50
N GLN A 410 -37.08 -77.77 61.39
CA GLN A 410 -37.90 -76.64 60.95
C GLN A 410 -37.01 -75.58 60.28
N TYR A 411 -35.83 -75.36 60.85
CA TYR A 411 -34.90 -74.39 60.28
C TYR A 411 -34.47 -74.85 58.88
N GLU A 412 -34.17 -76.14 58.77
CA GLU A 412 -33.76 -76.73 57.51
C GLU A 412 -34.85 -76.40 56.48
N HIS A 413 -36.10 -76.55 56.89
CA HIS A 413 -37.21 -76.27 56.02
C HIS A 413 -37.23 -74.80 55.61
N ASN A 414 -36.87 -73.91 56.54
CA ASN A 414 -36.84 -72.48 56.25
C ASN A 414 -35.72 -72.24 55.25
N ILE A 415 -34.55 -72.81 55.53
CA ILE A 415 -33.40 -72.69 54.66
C ILE A 415 -33.84 -73.05 53.25
N ILE A 416 -34.24 -74.31 53.09
CA ILE A 416 -34.69 -74.82 51.81
C ILE A 416 -35.62 -73.85 51.11
N ASN A 417 -36.61 -73.37 51.83
CA ASN A 417 -37.57 -72.43 51.27
C ASN A 417 -36.99 -71.02 51.01
N TYR A 418 -35.75 -70.77 51.40
CA TYR A 418 -35.19 -69.45 51.20
C TYR A 418 -34.24 -69.43 50.00
N LYS A 419 -33.87 -70.62 49.54
CA LYS A 419 -32.93 -70.74 48.42
C LYS A 419 -33.19 -69.83 47.21
N ASN A 420 -34.40 -69.85 46.68
CA ASN A 420 -34.71 -69.03 45.52
C ASN A 420 -34.18 -67.61 45.66
N ASN A 421 -34.04 -67.13 46.90
CA ASN A 421 -33.52 -65.78 47.12
C ASN A 421 -32.07 -65.71 46.78
N ILE A 422 -31.33 -66.75 47.13
CA ILE A 422 -29.93 -66.73 46.82
C ILE A 422 -29.78 -66.82 45.31
N ASP A 423 -30.61 -67.64 44.69
CA ASP A 423 -30.54 -67.78 43.23
C ASP A 423 -30.71 -66.41 42.57
N LYS A 424 -31.83 -65.76 42.85
CA LYS A 424 -32.06 -64.44 42.29
C LYS A 424 -30.78 -63.62 42.41
N LEU A 425 -30.36 -63.33 43.63
CA LEU A 425 -29.14 -62.55 43.84
C LEU A 425 -28.07 -62.94 42.82
N GLU A 426 -27.70 -64.21 42.85
CA GLU A 426 -26.69 -64.75 41.94
C GLU A 426 -26.93 -64.27 40.50
N GLY A 427 -28.19 -64.28 40.07
CA GLY A 427 -28.52 -63.84 38.75
C GLY A 427 -28.38 -62.35 38.48
N ASP A 428 -28.68 -61.52 39.45
CA ASP A 428 -28.55 -60.10 39.22
C ASP A 428 -27.09 -59.76 39.35
N HIS A 429 -26.34 -60.67 39.96
CA HIS A 429 -24.92 -60.44 40.11
C HIS A 429 -24.32 -60.50 38.71
N GLN A 430 -24.72 -61.55 38.00
CA GLN A 430 -24.27 -61.77 36.63
C GLN A 430 -24.58 -60.56 35.74
N LEU A 431 -25.74 -59.94 35.91
CA LEU A 431 -26.07 -58.76 35.13
C LEU A 431 -25.14 -57.61 35.46
N ILE A 432 -24.88 -57.41 36.74
CA ILE A 432 -23.99 -56.32 37.14
C ILE A 432 -22.63 -56.47 36.48
N GLN A 433 -22.09 -57.68 36.48
CA GLN A 433 -20.79 -57.94 35.88
C GLN A 433 -20.83 -57.81 34.37
N GLU A 434 -21.86 -58.34 33.74
CA GLU A 434 -21.96 -58.24 32.29
C GLU A 434 -22.04 -56.79 31.84
N ALA A 435 -22.49 -55.93 32.74
CA ALA A 435 -22.61 -54.51 32.43
C ALA A 435 -21.31 -53.77 32.72
N LEU A 436 -20.29 -54.51 33.14
CA LEU A 436 -18.99 -53.93 33.46
C LEU A 436 -19.11 -52.97 34.63
N VAL A 437 -19.96 -53.32 35.57
CA VAL A 437 -20.15 -52.53 36.78
C VAL A 437 -19.54 -53.39 37.85
N PHE A 438 -18.59 -52.82 38.60
CA PHE A 438 -17.94 -53.60 39.62
C PHE A 438 -17.89 -52.83 40.92
N ASP A 439 -18.71 -51.79 41.03
CA ASP A 439 -18.77 -51.00 42.25
C ASP A 439 -20.22 -50.86 42.68
N ASN A 440 -20.48 -51.08 43.97
CA ASN A 440 -21.84 -50.94 44.45
C ASN A 440 -21.89 -50.34 45.84
N LYS A 441 -22.05 -49.03 45.89
CA LYS A 441 -22.09 -48.32 47.16
C LYS A 441 -23.39 -48.54 47.94
N HIS A 442 -24.36 -49.24 47.37
CA HIS A 442 -25.61 -49.43 48.08
C HIS A 442 -25.70 -50.65 48.98
N THR A 443 -24.55 -51.26 49.28
CA THR A 443 -24.55 -52.43 50.16
C THR A 443 -23.12 -52.80 50.47
N ASN A 444 -22.89 -53.40 51.62
CA ASN A 444 -21.54 -53.79 51.98
C ASN A 444 -21.42 -55.28 51.81
N TYR A 445 -22.21 -55.86 50.92
CA TYR A 445 -22.13 -57.30 50.79
C TYR A 445 -21.32 -58.03 49.75
N THR A 446 -21.61 -57.89 48.46
CA THR A 446 -20.83 -58.62 47.45
C THR A 446 -21.25 -60.10 47.38
N MET A 447 -21.66 -60.52 46.18
CA MET A 447 -22.09 -61.87 45.93
C MET A 447 -21.29 -62.90 46.74
N GLU A 448 -19.99 -62.67 46.89
CA GLU A 448 -19.15 -63.60 47.62
C GLU A 448 -19.58 -63.75 49.06
N HIS A 449 -19.54 -62.66 49.82
CA HIS A 449 -19.95 -62.71 51.21
C HIS A 449 -21.22 -63.52 51.38
N ILE A 450 -22.23 -63.27 50.55
CA ILE A 450 -23.46 -64.04 50.64
C ILE A 450 -23.20 -65.51 50.34
N ARG A 451 -22.38 -65.81 49.33
CA ARG A 451 -22.12 -67.23 49.02
C ARG A 451 -21.51 -67.96 50.19
N VAL A 452 -20.43 -67.41 50.74
CA VAL A 452 -19.79 -68.08 51.84
C VAL A 452 -20.79 -68.24 52.97
N GLY A 453 -21.45 -67.14 53.32
CA GLY A 453 -22.43 -67.19 54.39
C GLY A 453 -23.45 -68.29 54.23
N TRP A 454 -24.07 -68.33 53.06
CA TRP A 454 -25.08 -69.32 52.76
C TRP A 454 -24.53 -70.73 52.75
N GLU A 455 -23.29 -70.89 52.29
CA GLU A 455 -22.70 -72.21 52.25
C GLU A 455 -22.33 -72.66 53.65
N LEU A 456 -22.00 -71.70 54.50
CA LEU A 456 -21.66 -72.00 55.88
C LEU A 456 -22.95 -72.42 56.57
N LEU A 457 -24.03 -71.72 56.25
CA LEU A 457 -25.31 -72.04 56.85
C LEU A 457 -25.66 -73.48 56.54
N LEU A 458 -25.73 -73.83 55.25
CA LEU A 458 -26.08 -75.19 54.86
C LEU A 458 -25.20 -76.24 55.53
N THR A 459 -23.95 -75.90 55.77
CA THR A 459 -23.05 -76.83 56.42
C THR A 459 -23.30 -76.93 57.91
N THR A 460 -23.64 -75.80 58.52
CA THR A 460 -23.91 -75.80 59.95
C THR A 460 -25.15 -76.62 60.32
N ILE A 461 -26.27 -76.46 59.63
CA ILE A 461 -27.44 -77.27 59.96
C ILE A 461 -27.10 -78.74 59.77
N ALA A 462 -26.57 -79.09 58.60
CA ALA A 462 -26.20 -80.49 58.33
C ALA A 462 -25.39 -81.05 59.48
N ARG A 463 -24.35 -80.32 59.86
CA ARG A 463 -23.50 -80.75 60.95
C ARG A 463 -24.33 -80.89 62.22
N THR A 464 -24.96 -79.80 62.65
CA THR A 464 -25.76 -79.84 63.87
C THR A 464 -26.82 -80.96 63.92
N ILE A 465 -27.69 -81.04 62.92
CA ILE A 465 -28.68 -82.11 62.93
C ILE A 465 -27.95 -83.44 63.11
N ASN A 466 -26.79 -83.57 62.50
CA ASN A 466 -26.02 -84.79 62.61
C ASN A 466 -25.62 -85.04 64.05
N GLU A 467 -24.95 -84.06 64.64
CA GLU A 467 -24.50 -84.17 66.02
C GLU A 467 -25.64 -84.55 66.96
N VAL A 468 -26.83 -84.01 66.70
CA VAL A 468 -27.97 -84.31 67.55
C VAL A 468 -28.45 -85.71 67.28
N GLU A 469 -28.16 -86.25 66.09
CA GLU A 469 -28.59 -87.61 65.80
C GLU A 469 -27.75 -88.54 66.64
N THR A 470 -26.46 -88.23 66.76
CA THR A 470 -25.55 -89.04 67.55
C THR A 470 -25.99 -88.99 69.00
N GLN A 471 -26.30 -87.79 69.47
CA GLN A 471 -26.76 -87.57 70.85
C GLN A 471 -27.89 -88.54 71.17
N ILE A 472 -28.97 -88.44 70.41
CA ILE A 472 -30.15 -89.27 70.58
C ILE A 472 -29.86 -90.74 70.20
N LEU A 473 -28.59 -91.13 70.29
CA LEU A 473 -28.20 -92.50 69.95
C LEU A 473 -27.24 -93.00 71.03
N THR A 474 -26.24 -92.19 71.32
CA THR A 474 -25.26 -92.50 72.35
C THR A 474 -25.87 -92.07 73.69
N ARG A 475 -27.18 -92.24 73.80
CA ARG A 475 -27.94 -91.90 75.00
C ARG A 475 -29.19 -92.76 75.01
N ASP A 476 -29.81 -92.86 73.84
CA ASP A 476 -31.04 -93.63 73.62
C ASP A 476 -30.74 -95.12 73.45
N SER B 2 -27.40 -112.00 61.22
CA SER B 2 -26.15 -111.33 61.65
C SER B 2 -25.39 -110.67 60.48
N SER B 3 -25.22 -111.41 59.38
CA SER B 3 -24.52 -110.88 58.20
C SER B 3 -25.51 -110.12 57.29
N ALA B 4 -26.72 -109.91 57.80
CA ALA B 4 -27.77 -109.19 57.08
C ALA B 4 -27.50 -107.71 57.35
N VAL B 5 -27.01 -107.42 58.56
CA VAL B 5 -26.67 -106.07 58.98
C VAL B 5 -25.29 -105.74 58.42
N ASN B 6 -24.44 -106.76 58.30
CA ASN B 6 -23.10 -106.60 57.77
C ASN B 6 -23.15 -106.32 56.28
N GLN B 7 -24.30 -106.58 55.66
CA GLN B 7 -24.50 -106.35 54.24
C GLN B 7 -24.62 -104.86 53.88
N GLU B 8 -25.29 -104.10 54.74
CA GLU B 8 -25.47 -102.65 54.53
C GLU B 8 -24.42 -101.87 55.32
N ASN B 9 -23.71 -102.55 56.21
CA ASN B 9 -22.67 -101.90 57.00
C ASN B 9 -21.41 -101.93 56.13
N GLU B 10 -21.58 -102.44 54.91
CA GLU B 10 -20.51 -102.52 53.92
C GLU B 10 -20.79 -101.44 52.88
N ARG B 11 -22.04 -101.32 52.48
CA ARG B 11 -22.44 -100.32 51.51
C ARG B 11 -22.32 -98.95 52.20
N LEU B 12 -22.57 -98.93 53.51
CA LEU B 12 -22.47 -97.71 54.30
C LEU B 12 -21.02 -97.42 54.70
N MET B 13 -20.08 -98.09 54.04
CA MET B 13 -18.65 -97.88 54.30
C MET B 13 -17.96 -97.98 52.96
N GLU B 14 -18.72 -98.42 51.97
CA GLU B 14 -18.27 -98.54 50.59
C GLU B 14 -18.77 -97.26 49.94
N GLU B 15 -19.84 -96.72 50.53
CA GLU B 15 -20.43 -95.47 50.08
C GLU B 15 -19.35 -94.41 50.23
N TYR B 16 -18.65 -94.46 51.35
CA TYR B 16 -17.57 -93.52 51.67
C TYR B 16 -16.51 -93.49 50.58
N GLU B 17 -15.97 -94.67 50.30
CA GLU B 17 -14.93 -94.79 49.29
C GLU B 17 -15.32 -94.18 47.95
N ARG B 18 -16.27 -94.81 47.26
CA ARG B 18 -16.75 -94.36 45.96
C ARG B 18 -17.05 -92.86 45.84
N LEU B 19 -17.23 -92.20 46.98
CA LEU B 19 -17.52 -90.76 46.98
C LEU B 19 -16.30 -89.96 47.45
N ALA B 20 -15.75 -90.30 48.61
CA ALA B 20 -14.59 -89.60 49.15
C ALA B 20 -13.47 -89.51 48.11
N SER B 21 -13.47 -90.45 47.16
CA SER B 21 -12.48 -90.47 46.09
C SER B 21 -13.00 -89.52 45.01
N GLU B 22 -14.23 -89.78 44.60
CA GLU B 22 -14.96 -89.01 43.60
C GLU B 22 -14.68 -87.51 43.78
N LEU B 23 -14.54 -87.09 45.04
CA LEU B 23 -14.26 -85.69 45.36
C LEU B 23 -12.78 -85.39 45.14
N LEU B 24 -11.92 -86.06 45.91
CA LEU B 24 -10.47 -85.88 45.85
C LEU B 24 -9.83 -85.63 44.47
N GLU B 25 -10.41 -86.24 43.44
CA GLU B 25 -9.89 -86.10 42.07
C GLU B 25 -10.37 -84.80 41.43
N TRP B 26 -11.38 -84.18 42.04
CA TRP B 26 -11.93 -82.93 41.54
C TRP B 26 -11.02 -81.80 42.03
N ILE B 27 -10.74 -81.76 43.32
CA ILE B 27 -9.86 -80.74 43.87
C ILE B 27 -8.53 -80.91 43.17
N ARG B 28 -8.37 -82.05 42.52
CA ARG B 28 -7.16 -82.40 41.78
C ARG B 28 -7.18 -81.69 40.42
N ARG B 29 -8.22 -81.99 39.64
CA ARG B 29 -8.38 -81.40 38.31
C ARG B 29 -8.67 -79.90 38.35
N THR B 30 -9.14 -79.41 39.49
CA THR B 30 -9.49 -78.01 39.62
C THR B 30 -8.38 -77.06 40.08
N ILE B 31 -7.53 -77.49 41.02
CA ILE B 31 -6.46 -76.62 41.48
C ILE B 31 -5.56 -76.09 40.35
N PRO B 32 -5.49 -76.80 39.20
CA PRO B 32 -4.65 -76.31 38.12
C PRO B 32 -5.35 -75.21 37.31
N TRP B 33 -6.66 -75.37 37.13
CA TRP B 33 -7.49 -74.42 36.39
C TRP B 33 -7.36 -73.04 37.03
N LEU B 34 -7.54 -72.97 38.35
CA LEU B 34 -7.37 -71.70 39.06
C LEU B 34 -5.85 -71.64 39.05
N GLU B 35 -5.25 -70.78 39.85
CA GLU B 35 -3.79 -70.75 39.91
C GLU B 35 -3.14 -70.27 38.60
N ASN B 36 -3.86 -70.46 37.50
CA ASN B 36 -3.41 -70.09 36.15
C ASN B 36 -2.94 -68.63 36.01
N ARG B 37 -3.89 -67.70 35.92
CA ARG B 37 -3.57 -66.28 35.80
C ARG B 37 -2.78 -65.85 34.57
N THR B 38 -2.98 -66.55 33.45
CA THR B 38 -2.28 -66.20 32.20
C THR B 38 -3.15 -65.19 31.42
N PRO B 39 -2.80 -63.90 31.49
CA PRO B 39 -3.53 -62.82 30.81
C PRO B 39 -4.08 -63.13 29.42
N GLU B 40 -4.93 -62.25 28.93
CA GLU B 40 -5.55 -62.44 27.63
C GLU B 40 -5.37 -61.23 26.70
N LYS B 41 -5.67 -61.43 25.42
CA LYS B 41 -5.53 -60.38 24.40
C LYS B 41 -6.42 -59.18 24.66
N THR B 42 -7.66 -59.28 24.18
CA THR B 42 -8.67 -58.25 24.29
C THR B 42 -9.34 -58.26 25.65
N MET B 43 -10.37 -57.43 25.80
CA MET B 43 -11.13 -57.39 27.04
C MET B 43 -12.26 -58.39 26.86
N GLN B 44 -12.99 -58.22 25.76
CA GLN B 44 -14.11 -59.08 25.41
C GLN B 44 -13.81 -60.57 25.61
N ALA B 45 -12.54 -60.94 25.56
CA ALA B 45 -12.16 -62.34 25.76
C ALA B 45 -11.75 -62.56 27.20
N MET B 46 -11.25 -61.49 27.82
CA MET B 46 -10.83 -61.55 29.21
C MET B 46 -12.05 -61.58 30.13
N GLN B 47 -13.22 -61.21 29.62
CA GLN B 47 -14.40 -61.25 30.47
C GLN B 47 -15.14 -62.55 30.26
N LYS B 48 -14.86 -63.22 29.16
CA LYS B 48 -15.48 -64.51 28.96
C LYS B 48 -14.77 -65.44 29.94
N LYS B 49 -13.58 -65.04 30.36
CA LYS B 49 -12.79 -65.84 31.31
C LYS B 49 -13.40 -65.72 32.71
N LEU B 50 -14.06 -64.59 32.96
CA LEU B 50 -14.71 -64.35 34.24
C LEU B 50 -16.08 -65.01 34.22
N GLU B 51 -16.67 -65.12 33.04
CA GLU B 51 -17.96 -65.78 32.93
C GLU B 51 -17.76 -67.26 33.25
N ASP B 52 -16.54 -67.75 33.04
CA ASP B 52 -16.23 -69.14 33.33
C ASP B 52 -16.17 -69.30 34.83
N PHE B 53 -15.49 -68.36 35.48
CA PHE B 53 -15.35 -68.39 36.93
C PHE B 53 -16.72 -68.37 37.59
N ARG B 54 -17.62 -67.54 37.09
CA ARG B 54 -18.96 -67.48 37.65
C ARG B 54 -19.53 -68.89 37.61
N ASP B 55 -19.72 -69.44 36.42
CA ASP B 55 -20.24 -70.81 36.28
C ASP B 55 -19.60 -71.74 37.30
N TYR B 56 -18.31 -71.53 37.56
CA TYR B 56 -17.60 -72.35 38.52
C TYR B 56 -18.10 -72.05 39.94
N ARG B 57 -17.70 -70.91 40.48
CA ARG B 57 -18.07 -70.51 41.83
C ARG B 57 -19.54 -70.56 42.12
N ARG B 58 -20.37 -70.51 41.08
CA ARG B 58 -21.81 -70.55 41.28
C ARG B 58 -22.40 -71.95 41.23
N LYS B 59 -22.40 -72.58 40.07
CA LYS B 59 -23.01 -73.91 39.97
C LYS B 59 -22.11 -75.13 40.14
N HIS B 60 -20.79 -74.97 40.06
CA HIS B 60 -19.91 -76.13 40.21
C HIS B 60 -19.25 -76.31 41.57
N LYS B 61 -18.75 -75.23 42.17
CA LYS B 61 -18.08 -75.34 43.46
C LYS B 61 -19.00 -75.61 44.67
N PRO B 62 -20.15 -74.92 44.77
CA PRO B 62 -21.03 -75.16 45.90
C PRO B 62 -21.37 -76.63 46.16
N PRO B 63 -21.95 -77.32 45.15
CA PRO B 63 -22.29 -78.74 45.34
C PRO B 63 -21.14 -79.56 45.95
N LYS B 64 -19.91 -79.16 45.67
CA LYS B 64 -18.75 -79.85 46.23
C LYS B 64 -18.63 -79.53 47.74
N VAL B 65 -18.83 -78.27 48.11
CA VAL B 65 -18.74 -77.87 49.51
C VAL B 65 -19.70 -78.68 50.38
N GLN B 66 -20.87 -79.00 49.84
CA GLN B 66 -21.87 -79.79 50.57
C GLN B 66 -21.53 -81.27 50.51
N GLU B 67 -20.54 -81.60 49.68
CA GLU B 67 -20.10 -82.98 49.56
C GLU B 67 -18.90 -83.18 50.47
N LYS B 68 -18.18 -82.10 50.75
CA LYS B 68 -17.03 -82.20 51.65
C LYS B 68 -17.62 -82.36 53.04
N CYS B 69 -18.79 -81.77 53.23
CA CYS B 69 -19.49 -81.83 54.49
C CYS B 69 -20.24 -83.14 54.63
N GLN B 70 -20.91 -83.55 53.57
CA GLN B 70 -21.66 -84.80 53.55
C GLN B 70 -20.74 -85.91 54.05
N LEU B 71 -19.50 -85.88 53.59
CA LEU B 71 -18.48 -86.83 54.01
C LEU B 71 -18.19 -86.35 55.42
N GLU B 72 -17.47 -87.14 56.20
CA GLU B 72 -17.15 -86.77 57.59
C GLU B 72 -18.43 -86.83 58.43
N ILE B 73 -19.57 -86.67 57.74
CA ILE B 73 -20.86 -86.79 58.40
C ILE B 73 -21.11 -88.28 58.25
N ASN B 74 -20.62 -88.83 57.15
CA ASN B 74 -20.74 -90.26 56.88
C ASN B 74 -19.64 -90.94 57.68
N PHE B 75 -18.57 -90.19 57.94
CA PHE B 75 -17.43 -90.68 58.72
C PHE B 75 -17.81 -90.62 60.20
N ASN B 76 -19.10 -90.53 60.47
CA ASN B 76 -19.59 -90.51 61.85
C ASN B 76 -20.82 -91.35 62.01
N THR B 77 -21.73 -91.29 61.04
CA THR B 77 -22.93 -92.10 61.05
C THR B 77 -22.48 -93.56 60.88
N LEU B 78 -21.19 -93.73 60.58
CA LEU B 78 -20.59 -95.05 60.38
C LEU B 78 -19.39 -95.22 61.32
N GLN B 79 -19.35 -94.42 62.36
CA GLN B 79 -18.27 -94.50 63.34
C GLN B 79 -18.90 -94.68 64.70
N THR B 80 -19.65 -93.66 65.10
CA THR B 80 -20.35 -93.72 66.36
C THR B 80 -21.32 -94.90 66.20
N LYS B 81 -21.71 -95.19 64.94
CA LYS B 81 -22.62 -96.30 64.68
C LYS B 81 -22.00 -97.67 64.85
N LEU B 82 -20.72 -97.82 64.51
CA LEU B 82 -20.07 -99.12 64.68
C LEU B 82 -19.63 -99.32 66.13
N ARG B 83 -19.95 -98.35 66.98
CA ARG B 83 -19.65 -98.43 68.40
C ARG B 83 -20.87 -99.04 69.05
N ILE B 84 -22.03 -98.70 68.49
CA ILE B 84 -23.33 -99.22 68.93
C ILE B 84 -23.62 -100.45 68.07
N SER B 85 -22.70 -101.41 68.15
CA SER B 85 -22.76 -102.68 67.43
C SER B 85 -21.42 -103.36 67.67
N ASN B 86 -20.48 -102.55 68.18
CA ASN B 86 -19.13 -102.98 68.51
C ASN B 86 -18.42 -103.94 67.55
N ARG B 87 -17.46 -103.37 66.83
CA ARG B 87 -16.59 -104.07 65.87
C ARG B 87 -15.81 -102.96 65.15
N PRO B 88 -14.66 -102.56 65.72
CA PRO B 88 -13.80 -101.50 65.18
C PRO B 88 -14.16 -101.01 63.79
N ALA B 89 -14.40 -99.69 63.71
CA ALA B 89 -14.78 -99.03 62.46
C ALA B 89 -13.69 -99.10 61.39
N PHE B 90 -13.77 -98.21 60.40
CA PHE B 90 -12.78 -98.22 59.33
C PHE B 90 -12.29 -96.83 58.95
N MET B 91 -10.99 -96.72 58.69
CA MET B 91 -10.34 -95.47 58.29
C MET B 91 -9.74 -95.81 56.93
N PRO B 92 -10.60 -96.08 55.93
CA PRO B 92 -10.32 -96.45 54.54
C PRO B 92 -9.13 -95.84 53.82
N SER B 93 -8.89 -96.36 52.62
CA SER B 93 -7.80 -95.96 51.72
C SER B 93 -6.91 -94.86 52.27
N GLU B 94 -5.62 -95.15 52.41
CA GLU B 94 -4.69 -94.15 52.90
C GLU B 94 -4.59 -93.07 51.83
N GLY B 95 -4.87 -93.46 50.59
CA GLY B 95 -4.83 -92.52 49.48
C GLY B 95 -6.18 -91.83 49.37
N LYS B 96 -6.81 -91.60 50.52
CA LYS B 96 -8.12 -90.95 50.63
C LYS B 96 -8.39 -90.60 52.10
N MET B 97 -7.36 -90.10 52.78
CA MET B 97 -7.43 -89.71 54.19
C MET B 97 -8.77 -89.07 54.58
N VAL B 98 -9.15 -89.16 55.85
CA VAL B 98 -10.41 -88.59 56.31
C VAL B 98 -10.20 -87.30 57.11
N SER B 99 -8.94 -86.96 57.38
CA SER B 99 -8.60 -85.76 58.13
C SER B 99 -7.75 -84.88 57.24
N ASP B 100 -7.43 -85.40 56.07
CA ASP B 100 -6.62 -84.65 55.12
C ASP B 100 -7.42 -83.96 54.03
N ILE B 101 -8.65 -84.37 53.80
CA ILE B 101 -9.45 -83.69 52.78
C ILE B 101 -9.58 -82.24 53.29
N ALA B 102 -9.09 -82.04 54.51
CA ALA B 102 -9.09 -80.73 55.14
C ALA B 102 -7.98 -79.89 54.52
N GLY B 103 -7.03 -80.57 53.89
CA GLY B 103 -5.92 -79.90 53.24
C GLY B 103 -6.16 -79.84 51.75
N ALA B 104 -6.73 -80.92 51.21
CA ALA B 104 -7.02 -81.00 49.78
C ALA B 104 -7.99 -79.89 49.38
N TRP B 105 -8.76 -79.42 50.36
CA TRP B 105 -9.71 -78.35 50.13
C TRP B 105 -9.00 -77.05 50.47
N GLN B 106 -8.21 -77.07 51.53
CA GLN B 106 -7.46 -75.89 51.92
C GLN B 106 -6.48 -75.59 50.79
N ARG B 107 -6.30 -76.59 49.93
CA ARG B 107 -5.41 -76.48 48.78
C ARG B 107 -6.17 -75.68 47.72
N LEU B 108 -7.34 -76.21 47.34
CA LEU B 108 -8.19 -75.56 46.36
C LEU B 108 -8.44 -74.12 46.78
N GLU B 109 -8.79 -73.94 48.05
CA GLU B 109 -9.06 -72.61 48.58
C GLU B 109 -7.86 -71.70 48.34
N GLN B 110 -6.67 -72.28 48.40
CA GLN B 110 -5.46 -71.50 48.18
C GLN B 110 -5.38 -71.03 46.74
N ALA B 111 -5.37 -71.99 45.82
CA ALA B 111 -5.27 -71.71 44.40
C ALA B 111 -6.34 -70.75 43.88
N GLU B 112 -7.43 -70.60 44.63
CA GLU B 112 -8.50 -69.71 44.22
C GLU B 112 -8.25 -68.30 44.74
N LYS B 113 -7.46 -68.21 45.80
CA LYS B 113 -7.10 -66.95 46.45
C LYS B 113 -7.63 -65.66 45.82
N GLY B 114 -6.82 -64.99 45.00
CA GLY B 114 -7.27 -63.75 44.40
C GLY B 114 -7.58 -63.83 42.91
N TYR B 115 -7.99 -65.01 42.45
CA TYR B 115 -8.30 -65.20 41.04
C TYR B 115 -9.34 -64.23 40.48
N GLU B 116 -10.46 -64.04 41.18
CA GLU B 116 -11.49 -63.11 40.69
C GLU B 116 -10.97 -61.68 40.83
N GLU B 117 -10.15 -61.42 41.83
CA GLU B 117 -9.60 -60.08 42.02
C GLU B 117 -8.76 -59.79 40.79
N TRP B 118 -8.02 -60.80 40.35
CA TRP B 118 -7.19 -60.67 39.16
C TRP B 118 -8.11 -60.42 37.97
N LEU B 119 -8.90 -61.43 37.61
CA LEU B 119 -9.84 -61.32 36.49
C LEU B 119 -10.44 -59.92 36.37
N LEU B 120 -10.93 -59.37 37.46
CA LEU B 120 -11.54 -58.05 37.40
C LEU B 120 -10.54 -56.99 36.97
N ASN B 121 -9.52 -56.76 37.79
CA ASN B 121 -8.50 -55.76 37.49
C ASN B 121 -8.06 -55.78 36.03
N GLU B 122 -7.97 -56.97 35.44
CA GLU B 122 -7.60 -57.09 34.05
C GLU B 122 -8.73 -56.56 33.17
N ILE B 123 -9.97 -56.90 33.52
CA ILE B 123 -11.12 -56.43 32.77
C ILE B 123 -11.03 -54.91 32.79
N ARG B 124 -10.67 -54.36 33.95
CA ARG B 124 -10.57 -52.94 34.08
C ARG B 124 -9.39 -52.29 33.38
N ARG B 125 -8.29 -53.01 33.24
CA ARG B 125 -7.14 -52.41 32.55
C ARG B 125 -7.48 -52.39 31.07
N LEU B 126 -7.87 -53.55 30.53
CA LEU B 126 -8.24 -53.64 29.13
C LEU B 126 -9.43 -52.71 28.83
N GLU B 127 -10.02 -52.18 29.88
CA GLU B 127 -11.14 -51.25 29.78
C GLU B 127 -10.52 -49.94 29.30
N ARG B 128 -9.84 -49.27 30.23
CA ARG B 128 -9.17 -48.01 29.98
C ARG B 128 -8.29 -48.13 28.74
N LEU B 129 -7.49 -49.18 28.71
CA LEU B 129 -6.59 -49.40 27.59
C LEU B 129 -7.33 -49.27 26.28
N GLU B 130 -8.24 -50.20 26.00
CA GLU B 130 -8.98 -50.16 24.76
C GLU B 130 -9.55 -48.79 24.42
N HIS B 131 -9.87 -48.00 25.44
CA HIS B 131 -10.42 -46.66 25.20
C HIS B 131 -9.34 -45.69 24.75
N LEU B 132 -8.26 -45.60 25.52
CA LEU B 132 -7.15 -44.72 25.21
C LEU B 132 -6.56 -45.04 23.83
N ALA B 133 -6.38 -46.31 23.54
CA ALA B 133 -5.83 -46.70 22.27
C ALA B 133 -6.63 -46.09 21.15
N GLU B 134 -7.94 -46.25 21.20
CA GLU B 134 -8.79 -45.71 20.16
C GLU B 134 -8.77 -44.19 20.17
N LYS B 135 -8.74 -43.58 21.34
CA LYS B 135 -8.72 -42.14 21.42
C LYS B 135 -7.44 -41.62 20.80
N PHE B 136 -6.33 -42.29 21.11
CA PHE B 136 -5.03 -41.90 20.58
C PHE B 136 -5.08 -41.98 19.07
N ARG B 137 -5.37 -43.17 18.57
CA ARG B 137 -5.45 -43.36 17.14
C ARG B 137 -6.25 -42.22 16.48
N GLN B 138 -7.36 -41.80 17.07
CA GLN B 138 -8.17 -40.75 16.47
C GLN B 138 -7.63 -39.33 16.64
N LYS B 139 -7.26 -38.99 17.86
CA LYS B 139 -6.77 -37.65 18.14
C LYS B 139 -5.46 -37.38 17.40
N ALA B 140 -4.71 -38.45 17.11
CA ALA B 140 -3.44 -38.31 16.37
C ALA B 140 -3.74 -38.11 14.91
N SER B 141 -4.57 -38.99 14.35
CA SER B 141 -4.92 -38.92 12.95
C SER B 141 -5.43 -37.54 12.53
N THR B 142 -6.25 -36.92 13.35
CA THR B 142 -6.75 -35.62 12.93
C THR B 142 -5.67 -34.57 12.98
N HIS B 143 -4.67 -34.76 13.84
CA HIS B 143 -3.57 -33.80 13.93
C HIS B 143 -2.62 -33.96 12.74
N GLU B 144 -2.25 -35.21 12.45
CA GLU B 144 -1.35 -35.53 11.36
C GLU B 144 -1.96 -35.01 10.09
N THR B 145 -3.28 -35.12 9.97
CA THR B 145 -3.93 -34.63 8.76
C THR B 145 -3.85 -33.12 8.69
N TRP B 146 -3.97 -32.45 9.83
CA TRP B 146 -3.86 -31.01 9.83
C TRP B 146 -2.45 -30.58 9.43
N ALA B 147 -1.46 -31.29 9.95
CA ALA B 147 -0.07 -30.99 9.69
C ALA B 147 0.41 -31.15 8.24
N TYR B 148 -0.06 -32.17 7.54
CA TYR B 148 0.39 -32.38 6.18
C TYR B 148 0.63 -31.07 5.44
N GLY B 149 1.78 -30.99 4.77
CA GLY B 149 2.13 -29.79 4.02
C GLY B 149 2.37 -28.49 4.79
N LYS B 150 1.90 -28.37 6.01
CA LYS B 150 2.12 -27.11 6.70
C LYS B 150 3.61 -26.69 6.71
N GLU B 151 4.52 -27.60 7.02
CA GLU B 151 5.94 -27.22 7.02
C GLU B 151 6.42 -26.70 5.68
N GLN B 152 6.04 -27.37 4.60
CA GLN B 152 6.46 -26.91 3.29
C GLN B 152 5.98 -25.49 2.99
N ILE B 153 4.68 -25.25 3.04
CA ILE B 153 4.21 -23.92 2.72
C ILE B 153 4.87 -22.92 3.65
N LEU B 154 5.29 -23.34 4.85
CA LEU B 154 5.95 -22.40 5.76
C LEU B 154 7.32 -21.97 5.22
N LEU B 155 7.94 -22.85 4.45
CA LEU B 155 9.26 -22.58 3.86
C LEU B 155 9.22 -21.78 2.57
N GLN B 156 8.06 -21.69 1.93
CA GLN B 156 7.93 -20.92 0.68
C GLN B 156 8.48 -19.52 0.93
N LYS B 157 9.10 -18.92 -0.08
CA LYS B 157 9.67 -17.59 0.10
C LYS B 157 8.97 -16.47 -0.66
N ASP B 158 7.78 -16.75 -1.15
CA ASP B 158 6.95 -15.78 -1.85
C ASP B 158 7.31 -14.30 -1.60
N TYR B 159 7.52 -13.97 -0.33
CA TYR B 159 7.81 -12.61 0.11
C TYR B 159 9.03 -11.86 -0.40
N GLU B 160 9.86 -12.50 -1.23
CA GLU B 160 11.06 -11.82 -1.72
C GLU B 160 10.78 -10.73 -2.75
N SER B 161 9.99 -11.10 -3.76
CA SER B 161 9.63 -10.18 -4.81
C SER B 161 8.34 -9.40 -4.49
N ALA B 162 7.98 -9.37 -3.22
CA ALA B 162 6.76 -8.71 -2.78
C ALA B 162 6.89 -7.23 -2.59
N SER B 163 5.76 -6.55 -2.57
CA SER B 163 5.69 -5.10 -2.38
C SER B 163 5.41 -4.83 -0.92
N LEU B 164 5.67 -3.62 -0.48
CA LEU B 164 5.43 -3.28 0.91
C LEU B 164 4.04 -3.73 1.38
N THR B 165 3.05 -3.60 0.51
CA THR B 165 1.69 -3.99 0.88
C THR B 165 1.47 -5.51 0.82
N GLU B 166 2.00 -6.16 -0.21
CA GLU B 166 1.85 -7.61 -0.33
C GLU B 166 2.44 -8.29 0.89
N VAL B 167 3.65 -7.86 1.25
CA VAL B 167 4.35 -8.42 2.41
C VAL B 167 3.51 -8.11 3.63
N ARG B 168 3.10 -6.85 3.74
CA ARG B 168 2.30 -6.42 4.85
C ARG B 168 1.04 -7.30 4.96
N ALA B 169 0.56 -7.79 3.83
CA ALA B 169 -0.62 -8.63 3.82
C ALA B 169 -0.27 -10.02 4.35
N LEU B 170 0.75 -10.64 3.77
CA LEU B 170 1.20 -11.99 4.19
C LEU B 170 1.46 -11.98 5.69
N LEU B 171 1.99 -10.86 6.14
CA LEU B 171 2.31 -10.71 7.54
C LEU B 171 1.02 -10.86 8.32
N ARG B 172 -0.05 -10.25 7.82
CA ARG B 172 -1.34 -10.34 8.49
C ARG B 172 -1.96 -11.72 8.36
N LYS B 173 -1.74 -12.41 7.26
CA LYS B 173 -2.29 -13.75 7.12
C LYS B 173 -1.46 -14.68 8.00
N HIS B 174 -0.20 -14.30 8.21
CA HIS B 174 0.68 -15.11 9.02
C HIS B 174 0.18 -15.04 10.45
N GLU B 175 -0.48 -13.94 10.78
CA GLU B 175 -1.00 -13.77 12.12
C GLU B 175 -2.07 -14.84 12.32
N ALA B 176 -2.90 -15.02 11.30
CA ALA B 176 -3.95 -16.01 11.35
C ALA B 176 -3.30 -17.36 11.63
N PHE B 177 -2.30 -17.71 10.82
CA PHE B 177 -1.60 -18.97 10.98
C PHE B 177 -1.08 -19.16 12.38
N GLU B 178 -0.51 -18.10 12.96
CA GLU B 178 0.01 -18.20 14.32
C GLU B 178 -1.15 -18.49 15.28
N SER B 179 -2.25 -17.81 15.04
CA SER B 179 -3.45 -17.96 15.85
C SER B 179 -3.89 -19.42 15.78
N ASP B 180 -4.17 -19.90 14.57
CA ASP B 180 -4.59 -21.27 14.39
C ASP B 180 -3.56 -22.23 14.96
N LEU B 181 -2.29 -21.87 14.89
CA LEU B 181 -1.24 -22.75 15.40
C LEU B 181 -1.40 -22.92 16.90
N ALA B 182 -1.41 -21.81 17.64
CA ALA B 182 -1.58 -21.86 19.09
C ALA B 182 -2.83 -22.61 19.51
N ALA B 183 -3.82 -22.62 18.63
CA ALA B 183 -5.07 -23.31 18.90
C ALA B 183 -4.79 -24.75 19.25
N HIS B 184 -4.20 -25.49 18.31
CA HIS B 184 -3.91 -26.90 18.51
C HIS B 184 -2.85 -27.27 19.57
N GLN B 185 -2.22 -26.27 20.17
CA GLN B 185 -1.21 -26.54 21.18
C GLN B 185 -1.70 -27.64 22.10
N ASP B 186 -2.92 -27.46 22.60
CA ASP B 186 -3.53 -28.42 23.49
C ASP B 186 -3.55 -29.85 22.92
N ARG B 187 -4.19 -30.03 21.76
CA ARG B 187 -4.27 -31.34 21.12
C ARG B 187 -2.95 -32.09 21.16
N VAL B 188 -1.85 -31.37 20.98
CA VAL B 188 -0.56 -32.02 21.01
C VAL B 188 -0.28 -32.54 22.43
N GLU B 189 -0.51 -31.70 23.43
CA GLU B 189 -0.26 -32.09 24.80
C GLU B 189 -1.10 -33.32 25.14
N GLN B 190 -2.34 -33.35 24.65
CA GLN B 190 -3.19 -34.49 24.91
C GLN B 190 -2.63 -35.74 24.28
N ILE B 191 -2.29 -35.65 23.00
CA ILE B 191 -1.76 -36.79 22.28
C ILE B 191 -0.58 -37.40 23.03
N ALA B 192 0.19 -36.54 23.69
CA ALA B 192 1.31 -37.00 24.47
C ALA B 192 0.74 -37.77 25.65
N ALA B 193 -0.03 -37.07 26.47
CA ALA B 193 -0.65 -37.68 27.65
C ALA B 193 -1.29 -39.05 27.40
N ILE B 194 -2.12 -39.16 26.37
CA ILE B 194 -2.74 -40.43 26.08
C ILE B 194 -1.69 -41.53 25.83
N ALA B 195 -0.62 -41.19 25.12
CA ALA B 195 0.44 -42.15 24.84
C ALA B 195 1.14 -42.50 26.15
N GLN B 196 1.26 -41.49 27.02
CA GLN B 196 1.87 -41.61 28.34
C GLN B 196 1.18 -42.70 29.16
N GLU B 197 -0.08 -42.44 29.49
CA GLU B 197 -0.88 -43.37 30.26
C GLU B 197 -0.83 -44.73 29.57
N LEU B 198 -1.01 -44.73 28.25
CA LEU B 198 -0.98 -45.96 27.46
C LEU B 198 0.23 -46.82 27.83
N ASN B 199 1.29 -46.18 28.30
CA ASN B 199 2.49 -46.91 28.72
C ASN B 199 2.24 -47.48 30.10
N GLU B 200 1.97 -46.59 31.04
CA GLU B 200 1.70 -46.98 32.42
C GLU B 200 0.86 -48.25 32.52
N LEU B 201 0.00 -48.48 31.52
CA LEU B 201 -0.86 -49.67 31.53
C LEU B 201 -0.29 -50.76 30.65
N ASP B 202 1.02 -50.71 30.42
CA ASP B 202 1.68 -51.69 29.58
C ASP B 202 0.91 -52.02 28.31
N TYR B 203 0.40 -50.99 27.63
CA TYR B 203 -0.33 -51.21 26.39
C TYR B 203 0.58 -52.08 25.51
N HIS B 204 0.02 -53.11 24.87
CA HIS B 204 0.87 -53.99 24.07
C HIS B 204 1.57 -53.33 22.89
N ASP B 205 1.04 -52.19 22.45
CA ASP B 205 1.62 -51.50 21.31
C ASP B 205 2.29 -50.19 21.72
N ALA B 206 2.56 -50.03 23.02
CA ALA B 206 3.20 -48.82 23.54
C ALA B 206 4.38 -48.39 22.68
N VAL B 207 5.06 -49.38 22.12
CA VAL B 207 6.21 -49.13 21.27
C VAL B 207 5.81 -48.18 20.14
N ASN B 208 4.90 -48.62 19.29
CA ASN B 208 4.47 -47.82 18.16
C ASN B 208 3.74 -46.53 18.48
N VAL B 209 3.00 -46.47 19.58
CA VAL B 209 2.31 -45.23 19.87
C VAL B 209 3.38 -44.23 20.32
N ASN B 210 4.36 -44.71 21.07
CA ASN B 210 5.40 -43.80 21.52
C ASN B 210 6.18 -43.22 20.35
N ASP B 211 6.30 -43.99 19.28
CA ASP B 211 7.02 -43.50 18.12
C ASP B 211 6.15 -42.46 17.41
N ARG B 212 4.94 -42.85 17.05
CA ARG B 212 4.00 -41.97 16.37
C ARG B 212 3.86 -40.66 17.13
N CYS B 213 3.86 -40.74 18.46
CA CYS B 213 3.75 -39.55 19.29
C CYS B 213 5.03 -38.73 19.21
N GLN B 214 6.17 -39.40 19.21
CA GLN B 214 7.46 -38.73 19.15
C GLN B 214 7.56 -37.89 17.89
N LYS B 215 7.21 -38.49 16.75
CA LYS B 215 7.23 -37.76 15.50
C LYS B 215 6.39 -36.50 15.66
N ILE B 216 5.15 -36.66 16.10
CA ILE B 216 4.28 -35.51 16.27
C ILE B 216 4.91 -34.41 17.12
N CYS B 217 5.49 -34.76 18.26
CA CYS B 217 6.10 -33.73 19.09
C CYS B 217 7.33 -33.10 18.44
N ASP B 218 8.09 -33.90 17.69
CA ASP B 218 9.28 -33.37 17.02
C ASP B 218 8.82 -32.35 15.99
N GLN B 219 7.85 -32.76 15.16
CA GLN B 219 7.29 -31.88 14.14
C GLN B 219 6.78 -30.59 14.76
N TRP B 220 6.00 -30.73 15.84
CA TRP B 220 5.43 -29.57 16.52
C TRP B 220 6.49 -28.51 16.81
N ASP B 221 7.65 -28.96 17.26
CA ASP B 221 8.74 -28.06 17.60
C ASP B 221 9.32 -27.44 16.35
N ARG B 222 9.63 -28.29 15.38
CA ARG B 222 10.19 -27.83 14.13
C ARG B 222 9.22 -26.78 13.58
N LEU B 223 7.93 -27.11 13.65
CA LEU B 223 6.85 -26.25 13.18
C LEU B 223 6.83 -24.91 13.88
N GLY B 224 7.07 -24.95 15.18
CA GLY B 224 7.10 -23.74 15.98
C GLY B 224 8.16 -22.77 15.50
N THR B 225 9.40 -23.22 15.44
CA THR B 225 10.46 -22.32 15.01
C THR B 225 10.32 -21.99 13.53
N LEU B 226 9.89 -22.97 12.75
CA LEU B 226 9.72 -22.75 11.31
C LEU B 226 8.74 -21.57 11.17
N THR B 227 7.75 -21.53 12.03
CA THR B 227 6.75 -20.45 12.03
C THR B 227 7.39 -19.13 12.47
N GLN B 228 8.37 -19.20 13.37
CA GLN B 228 9.02 -17.98 13.83
C GLN B 228 10.00 -17.42 12.83
N LYS B 229 10.61 -18.27 12.02
CA LYS B 229 11.52 -17.76 11.02
C LYS B 229 10.68 -16.80 10.18
N ARG B 230 9.58 -17.31 9.61
CA ARG B 230 8.68 -16.50 8.77
C ARG B 230 8.40 -15.13 9.32
N ARG B 231 7.87 -15.07 10.54
CA ARG B 231 7.56 -13.77 11.12
C ARG B 231 8.74 -12.84 10.99
N GLU B 232 9.91 -13.35 11.30
CA GLU B 232 11.11 -12.54 11.21
C GLU B 232 11.40 -12.10 9.78
N ALA B 233 11.43 -13.03 8.85
CA ALA B 233 11.68 -12.68 7.45
C ALA B 233 10.65 -11.63 6.97
N LEU B 234 9.37 -11.89 7.22
CA LEU B 234 8.32 -10.97 6.81
C LEU B 234 8.50 -9.63 7.50
N GLU B 235 8.81 -9.67 8.79
CA GLU B 235 9.01 -8.43 9.53
C GLU B 235 10.24 -7.68 9.01
N ARG B 236 11.22 -8.44 8.53
CA ARG B 236 12.44 -7.87 8.01
C ARG B 236 12.17 -7.26 6.66
N MET B 237 11.51 -8.03 5.81
CA MET B 237 11.20 -7.58 4.46
C MET B 237 10.40 -6.28 4.49
N GLU B 238 9.44 -6.21 5.41
CA GLU B 238 8.61 -5.02 5.57
C GLU B 238 9.52 -3.86 5.89
N LYS B 239 10.45 -4.06 6.83
CA LYS B 239 11.38 -3.01 7.22
C LYS B 239 12.09 -2.45 6.01
N LEU B 240 12.71 -3.30 5.20
CA LEU B 240 13.42 -2.81 4.03
C LEU B 240 12.51 -2.01 3.10
N LEU B 241 11.50 -2.67 2.54
CA LEU B 241 10.59 -2.00 1.62
C LEU B 241 10.08 -0.69 2.18
N GLU B 242 9.83 -0.64 3.49
CA GLU B 242 9.35 0.57 4.13
C GLU B 242 10.40 1.66 3.93
N THR B 243 11.66 1.32 4.14
CA THR B 243 12.78 2.26 4.00
C THR B 243 12.95 2.69 2.55
N ILE B 244 13.02 1.74 1.64
CA ILE B 244 13.19 2.07 0.24
C ILE B 244 12.04 2.97 -0.22
N ASP B 245 10.84 2.73 0.30
CA ASP B 245 9.69 3.53 -0.10
C ASP B 245 9.83 4.98 0.38
N GLN B 246 10.26 5.13 1.63
CA GLN B 246 10.46 6.45 2.20
C GLN B 246 11.40 7.24 1.31
N LEU B 247 12.52 6.62 0.98
CA LEU B 247 13.50 7.26 0.14
C LEU B 247 12.86 7.69 -1.19
N HIS B 248 12.28 6.74 -1.91
CA HIS B 248 11.64 7.04 -3.19
C HIS B 248 10.72 8.25 -3.06
N LEU B 249 9.90 8.23 -2.03
CA LEU B 249 8.96 9.29 -1.77
C LEU B 249 9.71 10.61 -1.62
N GLU B 250 10.69 10.65 -0.73
CA GLU B 250 11.46 11.86 -0.51
C GLU B 250 12.02 12.35 -1.82
N PHE B 251 12.68 11.46 -2.53
CA PHE B 251 13.23 11.84 -3.81
C PHE B 251 12.18 12.51 -4.70
N ALA B 252 11.02 11.88 -4.82
CA ALA B 252 9.98 12.47 -5.66
C ALA B 252 9.56 13.84 -5.20
N LYS B 253 9.35 14.00 -3.90
CA LYS B 253 8.92 15.27 -3.34
C LYS B 253 9.91 16.39 -3.60
N ARG B 254 11.14 16.04 -3.92
CA ARG B 254 12.15 17.05 -4.15
C ARG B 254 12.60 17.19 -5.59
N ALA B 255 12.55 16.13 -6.37
CA ALA B 255 12.98 16.23 -7.78
C ALA B 255 11.96 17.04 -8.58
N ALA B 256 10.70 16.97 -8.15
CA ALA B 256 9.66 17.69 -8.85
C ALA B 256 9.97 19.15 -8.86
N PRO B 257 9.85 19.82 -7.70
CA PRO B 257 10.13 21.25 -7.60
C PRO B 257 11.46 21.62 -8.26
N PHE B 258 12.47 20.80 -8.02
CA PHE B 258 13.78 21.06 -8.59
C PHE B 258 13.75 20.95 -10.09
N ASN B 259 12.87 20.11 -10.62
CA ASN B 259 12.81 19.99 -12.06
C ASN B 259 12.11 21.19 -12.67
N ASN B 260 11.19 21.77 -11.92
CA ASN B 260 10.49 22.96 -12.38
C ASN B 260 11.46 24.12 -12.47
N TRP B 261 12.34 24.23 -11.47
CA TRP B 261 13.35 25.28 -11.40
C TRP B 261 14.29 25.22 -12.59
N MET B 262 14.81 24.06 -12.89
CA MET B 262 15.71 23.94 -14.02
C MET B 262 15.02 24.35 -15.30
N GLU B 263 13.78 23.90 -15.48
CA GLU B 263 13.04 24.23 -16.68
C GLU B 263 12.82 25.74 -16.73
N GLY B 264 12.41 26.31 -15.60
CA GLY B 264 12.21 27.74 -15.55
C GLY B 264 13.47 28.51 -15.93
N ALA B 265 14.60 28.13 -15.34
CA ALA B 265 15.87 28.78 -15.64
C ALA B 265 16.17 28.70 -17.11
N MET B 266 16.17 27.50 -17.67
CA MET B 266 16.48 27.35 -19.08
C MET B 266 15.68 28.35 -19.90
N GLU B 267 14.45 28.66 -19.48
CA GLU B 267 13.70 29.64 -20.26
C GLU B 267 14.31 31.01 -20.03
N ASP B 268 14.30 31.48 -18.79
CA ASP B 268 14.86 32.79 -18.48
C ASP B 268 16.18 33.06 -19.21
N LEU B 269 17.14 32.14 -19.11
CA LEU B 269 18.43 32.32 -19.76
C LEU B 269 18.37 32.43 -21.26
N GLN B 270 17.18 32.35 -21.85
CA GLN B 270 17.08 32.42 -23.30
C GLN B 270 16.06 33.42 -23.78
N ASP B 271 15.39 34.04 -22.83
CA ASP B 271 14.37 35.00 -23.11
C ASP B 271 14.94 36.13 -23.98
N MET B 272 14.30 36.38 -25.12
CA MET B 272 14.71 37.44 -26.04
C MET B 272 14.44 38.79 -25.38
N PHE B 273 15.30 39.76 -25.63
CA PHE B 273 15.13 41.08 -25.03
C PHE B 273 15.50 42.15 -26.04
N ILE B 274 15.02 43.37 -25.81
CA ILE B 274 15.33 44.48 -26.70
C ILE B 274 15.40 45.74 -25.86
N VAL B 275 16.50 46.48 -25.99
CA VAL B 275 16.67 47.71 -25.21
C VAL B 275 17.14 48.87 -26.06
N HIS B 276 17.18 50.05 -25.45
CA HIS B 276 17.62 51.24 -26.17
C HIS B 276 18.42 52.19 -25.28
N SER B 277 18.72 51.77 -24.04
CA SER B 277 19.48 52.61 -23.13
C SER B 277 20.38 51.77 -22.25
N ILE B 278 21.47 52.37 -21.79
CA ILE B 278 22.39 51.67 -20.94
C ILE B 278 21.67 51.20 -19.68
N GLU B 279 20.78 52.03 -19.16
CA GLU B 279 20.06 51.69 -17.94
C GLU B 279 19.25 50.40 -18.12
N GLU B 280 18.59 50.29 -19.26
CA GLU B 280 17.79 49.11 -19.56
C GLU B 280 18.62 47.85 -19.51
N ILE B 281 19.64 47.77 -20.36
CA ILE B 281 20.51 46.61 -20.41
C ILE B 281 21.18 46.28 -19.08
N GLN B 282 21.26 47.25 -18.16
CA GLN B 282 21.89 46.98 -16.88
C GLN B 282 20.91 46.31 -15.92
N SER B 283 19.62 46.60 -16.07
CA SER B 283 18.65 45.96 -15.21
C SER B 283 18.70 44.47 -15.55
N LEU B 284 18.82 44.18 -16.84
CA LEU B 284 18.92 42.81 -17.32
C LEU B 284 20.17 42.16 -16.72
N ILE B 285 21.22 42.96 -16.57
CA ILE B 285 22.45 42.46 -16.00
C ILE B 285 22.32 42.26 -14.51
N THR B 286 21.69 43.19 -13.82
CA THR B 286 21.53 43.04 -12.37
C THR B 286 20.75 41.77 -12.11
N ALA B 287 19.73 41.55 -12.92
CA ALA B 287 18.88 40.38 -12.77
C ALA B 287 19.67 39.10 -12.92
N HIS B 288 20.31 38.95 -14.08
CA HIS B 288 21.10 37.76 -14.38
C HIS B 288 22.17 37.50 -13.33
N GLU B 289 22.69 38.59 -12.78
CA GLU B 289 23.72 38.53 -11.76
C GLU B 289 23.10 37.85 -10.55
N GLN B 290 21.92 38.32 -10.14
CA GLN B 290 21.26 37.75 -8.98
C GLN B 290 20.88 36.32 -9.22
N PHE B 291 20.47 35.99 -10.44
CA PHE B 291 20.13 34.61 -10.72
C PHE B 291 21.36 33.75 -10.42
N LYS B 292 22.47 34.04 -11.11
CA LYS B 292 23.71 33.30 -10.93
C LYS B 292 24.07 33.17 -9.45
N ALA B 293 23.63 34.13 -8.66
CA ALA B 293 23.90 34.09 -7.23
C ALA B 293 23.19 32.93 -6.56
N THR B 294 22.14 32.42 -7.20
CA THR B 294 21.38 31.31 -6.63
C THR B 294 21.96 29.98 -7.07
N LEU B 295 22.78 29.98 -8.12
CA LEU B 295 23.37 28.75 -8.63
C LEU B 295 24.06 27.90 -7.58
N PRO B 296 24.78 28.53 -6.63
CA PRO B 296 25.45 27.73 -5.61
C PRO B 296 24.51 26.76 -4.90
N GLU B 297 23.56 27.30 -4.13
CA GLU B 297 22.66 26.44 -3.39
C GLU B 297 21.86 25.53 -4.31
N ALA B 298 21.68 25.96 -5.56
CA ALA B 298 20.97 25.16 -6.56
C ALA B 298 21.72 23.85 -6.68
N ASP B 299 23.03 23.94 -6.79
CA ASP B 299 23.87 22.76 -6.90
C ASP B 299 23.80 22.00 -5.57
N GLY B 300 23.55 22.74 -4.50
CA GLY B 300 23.45 22.10 -3.20
C GLY B 300 22.36 21.07 -3.33
N GLU B 301 21.14 21.56 -3.57
CA GLU B 301 19.96 20.73 -3.72
C GLU B 301 20.18 19.61 -4.75
N ARG B 302 20.84 19.93 -5.86
CA ARG B 302 21.09 18.93 -6.88
C ARG B 302 21.77 17.74 -6.24
N GLN B 303 22.95 17.96 -5.67
CA GLN B 303 23.69 16.88 -5.03
C GLN B 303 22.85 16.21 -3.93
N SER B 304 22.25 17.02 -3.06
CA SER B 304 21.44 16.47 -1.98
C SER B 304 20.43 15.43 -2.53
N ILE B 305 19.77 15.77 -3.63
CA ILE B 305 18.80 14.89 -4.24
C ILE B 305 19.52 13.65 -4.76
N MET B 306 20.66 13.84 -5.42
CA MET B 306 21.43 12.71 -5.93
C MET B 306 21.84 11.80 -4.81
N ALA B 307 21.87 12.32 -3.59
CA ALA B 307 22.24 11.52 -2.44
C ALA B 307 21.10 10.55 -2.16
N ILE B 308 19.92 11.11 -1.96
CA ILE B 308 18.75 10.31 -1.69
C ILE B 308 18.71 9.11 -2.64
N GLN B 309 18.90 9.36 -3.93
CA GLN B 309 18.88 8.28 -4.90
C GLN B 309 19.92 7.22 -4.58
N ASN B 310 21.14 7.66 -4.27
CA ASN B 310 22.21 6.73 -3.97
C ASN B 310 21.92 5.78 -2.82
N GLU B 311 21.35 6.28 -1.73
CA GLU B 311 21.05 5.39 -0.62
C GLU B 311 20.07 4.31 -1.08
N VAL B 312 18.99 4.73 -1.72
CA VAL B 312 18.00 3.80 -2.25
C VAL B 312 18.73 2.68 -2.97
N GLU B 313 19.38 3.04 -4.06
CA GLU B 313 20.11 2.09 -4.88
C GLU B 313 21.13 1.30 -4.06
N LYS B 314 21.52 1.85 -2.92
CA LYS B 314 22.50 1.17 -2.08
C LYS B 314 21.82 0.10 -1.23
N VAL B 315 20.82 0.47 -0.42
CA VAL B 315 20.14 -0.52 0.43
C VAL B 315 19.63 -1.67 -0.44
N ILE B 316 19.04 -1.35 -1.58
CA ILE B 316 18.57 -2.39 -2.45
C ILE B 316 19.76 -3.32 -2.71
N GLN B 317 20.78 -2.80 -3.36
CA GLN B 317 21.98 -3.56 -3.68
C GLN B 317 22.61 -4.36 -2.54
N SER B 318 22.47 -3.90 -1.30
CA SER B 318 23.06 -4.62 -0.18
C SER B 318 22.10 -5.59 0.49
N TYR B 319 21.22 -6.19 -0.30
CA TYR B 319 20.24 -7.17 0.18
C TYR B 319 19.75 -7.94 -1.03
N ASN B 320 20.47 -7.84 -2.14
CA ASN B 320 20.09 -8.51 -3.40
C ASN B 320 18.56 -8.68 -3.48
N ILE B 321 17.87 -7.58 -3.19
CA ILE B 321 16.41 -7.54 -3.19
C ILE B 321 15.79 -7.08 -4.51
N ARG B 322 14.61 -7.63 -4.81
CA ARG B 322 13.90 -7.28 -6.02
C ARG B 322 13.43 -5.82 -5.95
N ILE B 323 12.46 -5.47 -6.79
CA ILE B 323 11.89 -4.13 -6.87
C ILE B 323 12.80 -3.17 -7.63
N SER B 324 12.54 -3.04 -8.94
CA SER B 324 13.32 -2.16 -9.79
C SER B 324 13.52 -0.83 -9.09
N SER B 325 14.78 -0.44 -8.91
CA SER B 325 15.14 0.82 -8.25
C SER B 325 14.19 1.95 -8.65
N SER B 326 13.52 1.80 -9.79
CA SER B 326 12.61 2.80 -10.32
C SER B 326 11.61 3.32 -9.28
N ASN B 327 11.47 4.65 -9.25
CA ASN B 327 10.63 5.38 -8.30
C ASN B 327 9.15 5.46 -8.68
N PRO B 328 8.30 4.73 -7.96
CA PRO B 328 6.86 4.75 -8.26
C PRO B 328 6.24 6.13 -8.17
N TYR B 329 6.78 6.96 -7.29
CA TYR B 329 6.21 8.28 -7.09
C TYR B 329 6.75 9.37 -7.99
N SER B 330 7.73 9.07 -8.82
CA SER B 330 8.24 10.11 -9.68
C SER B 330 8.64 9.70 -11.07
N THR B 331 8.32 10.58 -12.02
CA THR B 331 8.61 10.37 -13.42
C THR B 331 10.08 10.63 -13.74
N VAL B 332 10.52 11.86 -13.50
CA VAL B 332 11.89 12.29 -13.78
C VAL B 332 12.97 11.45 -13.11
N THR B 333 13.90 10.95 -13.94
CA THR B 333 15.01 10.13 -13.48
C THR B 333 16.16 10.98 -12.93
N MET B 334 17.11 10.35 -12.26
CA MET B 334 18.26 11.05 -11.71
C MET B 334 19.23 11.39 -12.86
N ASP B 335 19.27 10.52 -13.86
CA ASP B 335 20.14 10.72 -15.00
C ASP B 335 19.69 11.86 -15.92
N GLU B 336 18.38 12.01 -16.10
CA GLU B 336 17.89 13.08 -16.96
C GLU B 336 17.90 14.36 -16.13
N LEU B 337 17.95 14.18 -14.81
CA LEU B 337 17.97 15.29 -13.89
C LEU B 337 19.30 15.99 -14.06
N ARG B 338 20.34 15.21 -14.33
CA ARG B 338 21.67 15.77 -14.50
C ARG B 338 21.82 16.48 -15.84
N THR B 339 21.31 15.86 -16.91
CA THR B 339 21.39 16.46 -18.24
C THR B 339 20.79 17.87 -18.22
N LYS B 340 19.68 18.01 -17.50
CA LYS B 340 19.01 19.30 -17.40
C LYS B 340 20.00 20.29 -16.79
N TRP B 341 20.47 19.98 -15.59
CA TRP B 341 21.43 20.83 -14.89
C TRP B 341 22.60 21.24 -15.79
N ASP B 342 23.14 20.31 -16.56
CA ASP B 342 24.22 20.65 -17.46
C ASP B 342 23.77 21.72 -18.41
N LYS B 343 22.54 21.59 -18.94
CA LYS B 343 22.03 22.60 -19.87
C LYS B 343 22.00 23.96 -19.19
N VAL B 344 21.38 24.06 -18.01
CA VAL B 344 21.34 25.33 -17.30
C VAL B 344 22.73 25.92 -17.37
N LYS B 345 23.68 25.17 -16.83
CA LYS B 345 25.08 25.58 -16.82
C LYS B 345 25.54 26.10 -18.17
N GLN B 346 25.50 25.24 -19.18
CA GLN B 346 25.90 25.63 -20.53
C GLN B 346 25.25 26.93 -21.01
N LEU B 347 24.04 27.21 -20.52
CA LEU B 347 23.36 28.41 -20.95
C LEU B 347 23.83 29.69 -20.29
N VAL B 348 24.38 29.59 -19.08
CA VAL B 348 24.85 30.78 -18.38
C VAL B 348 25.91 31.55 -19.16
N PRO B 349 27.06 30.94 -19.45
CA PRO B 349 28.06 31.69 -20.21
C PRO B 349 27.52 32.24 -21.53
N ILE B 350 26.52 31.59 -22.11
CA ILE B 350 25.98 32.08 -23.38
C ILE B 350 25.18 33.35 -23.14
N ARG B 351 24.44 33.37 -22.03
CA ARG B 351 23.61 34.50 -21.67
C ARG B 351 24.44 35.72 -21.34
N ASP B 352 25.40 35.59 -20.44
CA ASP B 352 26.14 36.77 -20.14
C ASP B 352 26.94 37.22 -21.35
N GLN B 353 27.40 36.28 -22.15
CA GLN B 353 28.13 36.67 -23.34
C GLN B 353 27.16 37.50 -24.21
N SER B 354 25.88 37.13 -24.16
CA SER B 354 24.88 37.85 -24.93
C SER B 354 24.65 39.21 -24.29
N LEU B 355 24.44 39.21 -22.98
CA LEU B 355 24.21 40.42 -22.23
C LEU B 355 25.37 41.39 -22.44
N GLN B 356 26.58 40.84 -22.47
CA GLN B 356 27.80 41.60 -22.66
C GLN B 356 27.76 42.40 -23.97
N GLU B 357 27.43 41.74 -25.06
CA GLU B 357 27.41 42.44 -26.33
C GLU B 357 26.43 43.62 -26.37
N GLU B 358 25.27 43.51 -25.71
CA GLU B 358 24.32 44.62 -25.73
C GLU B 358 24.84 45.81 -24.95
N LEU B 359 25.48 45.52 -23.83
CA LEU B 359 26.07 46.54 -22.99
C LEU B 359 27.05 47.33 -23.88
N ALA B 360 27.92 46.62 -24.60
CA ALA B 360 28.87 47.29 -25.48
C ALA B 360 28.09 48.17 -26.46
N ARG B 361 27.10 47.57 -27.11
CA ARG B 361 26.26 48.27 -28.07
C ARG B 361 25.70 49.55 -27.46
N GLN B 362 25.05 49.46 -26.29
CA GLN B 362 24.47 50.64 -25.68
C GLN B 362 25.55 51.68 -25.40
N HIS B 363 26.69 51.25 -24.84
CA HIS B 363 27.76 52.19 -24.58
C HIS B 363 28.20 52.83 -25.90
N ALA B 364 28.46 52.01 -26.91
CA ALA B 364 28.87 52.56 -28.20
C ALA B 364 27.87 53.64 -28.66
N ASN B 365 26.59 53.38 -28.39
CA ASN B 365 25.54 54.31 -28.76
C ASN B 365 25.66 55.62 -28.01
N GLU B 366 25.91 55.56 -26.70
CA GLU B 366 26.04 56.77 -25.89
C GLU B 366 27.18 57.62 -26.40
N ARG B 367 28.27 56.96 -26.79
CA ARG B 367 29.42 57.68 -27.32
C ARG B 367 28.95 58.51 -28.49
N LEU B 368 28.30 57.88 -29.46
CA LEU B 368 27.80 58.64 -30.60
C LEU B 368 26.88 59.75 -30.13
N ARG B 369 26.02 59.46 -29.16
CA ARG B 369 25.10 60.48 -28.66
C ARG B 369 25.87 61.69 -28.11
N ARG B 370 26.82 61.43 -27.22
CA ARG B 370 27.61 62.47 -26.62
C ARG B 370 28.39 63.25 -27.66
N GLN B 371 29.17 62.55 -28.47
CA GLN B 371 29.96 63.20 -29.51
C GLN B 371 29.10 64.12 -30.41
N PHE B 372 27.87 63.71 -30.68
CA PHE B 372 27.03 64.55 -31.51
C PHE B 372 26.65 65.79 -30.72
N ALA B 373 26.25 65.59 -29.48
CA ALA B 373 25.83 66.70 -28.61
C ALA B 373 26.91 67.76 -28.45
N ALA B 374 28.11 67.30 -28.11
CA ALA B 374 29.24 68.18 -27.91
C ALA B 374 29.39 69.15 -29.07
N GLN B 375 29.42 68.63 -30.29
CA GLN B 375 29.57 69.47 -31.46
C GLN B 375 28.38 70.38 -31.73
N ALA B 376 27.18 69.82 -31.70
CA ALA B 376 26.02 70.63 -31.98
C ALA B 376 25.92 71.77 -30.97
N ASN B 377 26.23 71.49 -29.72
CA ASN B 377 26.14 72.50 -28.67
C ASN B 377 27.12 73.64 -28.88
N ALA B 378 28.10 73.43 -29.75
CA ALA B 378 29.07 74.46 -30.06
C ALA B 378 28.66 75.16 -31.35
N ILE B 379 28.38 74.37 -32.38
CA ILE B 379 27.95 74.91 -33.65
C ILE B 379 26.71 75.74 -33.52
N GLY B 380 25.74 75.25 -32.75
CA GLY B 380 24.49 75.99 -32.57
C GLY B 380 24.74 77.44 -32.24
N PRO B 381 25.29 77.72 -31.05
CA PRO B 381 25.55 79.11 -30.68
C PRO B 381 26.48 79.84 -31.64
N TRP B 382 27.47 79.15 -32.21
CA TRP B 382 28.36 79.83 -33.15
C TRP B 382 27.53 80.44 -34.30
N ILE B 383 26.63 79.66 -34.88
CA ILE B 383 25.80 80.17 -35.96
C ILE B 383 24.95 81.33 -35.46
N GLN B 384 24.44 81.21 -34.25
CA GLN B 384 23.62 82.29 -33.69
C GLN B 384 24.46 83.56 -33.55
N ASN B 385 25.66 83.40 -33.01
CA ASN B 385 26.53 84.53 -32.83
C ASN B 385 26.84 85.27 -34.13
N LYS B 386 27.16 84.55 -35.21
CA LYS B 386 27.48 85.23 -36.46
C LYS B 386 26.28 85.97 -37.03
N MET B 387 25.07 85.45 -36.83
CA MET B 387 23.90 86.15 -37.35
C MET B 387 23.86 87.53 -36.71
N GLU B 388 24.16 87.58 -35.42
CA GLU B 388 24.15 88.83 -34.69
C GLU B 388 25.26 89.77 -35.22
N GLU B 389 26.43 89.23 -35.51
CA GLU B 389 27.53 90.05 -36.02
C GLU B 389 27.19 90.66 -37.37
N ILE B 390 26.51 89.88 -38.19
CA ILE B 390 26.10 90.38 -39.49
C ILE B 390 24.98 91.36 -39.26
N ALA B 391 24.03 90.98 -38.42
CA ALA B 391 22.87 91.83 -38.10
C ALA B 391 23.31 93.24 -37.75
N ARG B 392 24.54 93.38 -37.29
CA ARG B 392 25.07 94.69 -36.96
C ARG B 392 25.86 95.13 -38.19
N SER B 393 27.18 95.22 -38.06
CA SER B 393 28.03 95.58 -39.21
C SER B 393 27.69 96.92 -39.88
N SER B 394 26.45 97.39 -39.72
CA SER B 394 26.02 98.67 -40.31
C SER B 394 26.74 99.81 -39.61
N ILE B 395 26.84 99.70 -38.28
CA ILE B 395 27.47 100.71 -37.44
C ILE B 395 28.68 101.44 -38.01
N GLN B 396 29.90 100.99 -37.70
CA GLN B 396 31.08 101.68 -38.23
C GLN B 396 31.23 103.15 -37.79
N ILE B 397 32.32 103.42 -37.07
CA ILE B 397 32.66 104.75 -36.59
C ILE B 397 32.88 105.72 -37.75
N THR B 398 33.35 105.20 -38.88
CA THR B 398 33.68 106.01 -40.06
C THR B 398 32.54 106.47 -40.94
N GLY B 399 31.48 105.68 -41.06
CA GLY B 399 30.40 106.07 -41.94
C GLY B 399 30.32 104.95 -42.94
N ALA B 400 29.34 104.08 -42.70
CA ALA B 400 29.06 102.86 -43.48
C ALA B 400 29.86 102.48 -44.75
N LEU B 401 29.20 101.60 -45.50
CA LEU B 401 29.67 101.04 -46.74
C LEU B 401 31.02 100.39 -46.74
N GLU B 402 32.00 101.00 -47.38
CA GLU B 402 33.33 100.38 -47.45
C GLU B 402 33.74 99.68 -46.16
N ASP B 403 33.51 100.30 -45.02
CA ASP B 403 33.94 99.62 -43.81
C ASP B 403 32.99 98.50 -43.39
N GLN B 404 31.72 98.59 -43.80
CA GLN B 404 30.76 97.55 -43.48
C GLN B 404 31.07 96.34 -44.38
N MET B 405 31.41 96.63 -45.63
CA MET B 405 31.75 95.59 -46.58
C MET B 405 32.95 94.84 -46.10
N ASN B 406 33.98 95.59 -45.71
CA ASN B 406 35.21 94.99 -45.21
C ASN B 406 34.91 93.95 -44.14
N GLN B 407 33.96 94.26 -43.28
CA GLN B 407 33.57 93.37 -42.19
C GLN B 407 32.78 92.17 -42.69
N LEU B 408 31.81 92.42 -43.57
CA LEU B 408 31.02 91.33 -44.12
C LEU B 408 31.94 90.31 -44.76
N LYS B 409 32.91 90.78 -45.54
CA LYS B 409 33.81 89.85 -46.19
C LYS B 409 34.60 89.05 -45.16
N GLN B 410 34.90 89.66 -44.02
CA GLN B 410 35.64 88.93 -43.00
C GLN B 410 34.77 87.81 -42.42
N TYR B 411 33.49 88.11 -42.22
CA TYR B 411 32.57 87.12 -41.67
C TYR B 411 32.45 85.95 -42.64
N GLU B 412 32.31 86.28 -43.92
CA GLU B 412 32.19 85.28 -44.97
C GLU B 412 33.39 84.34 -44.86
N HIS B 413 34.57 84.91 -44.63
CA HIS B 413 35.79 84.14 -44.47
C HIS B 413 35.68 83.24 -43.24
N ASN B 414 35.06 83.74 -42.17
CA ASN B 414 34.90 82.93 -40.95
C ASN B 414 33.97 81.78 -41.26
N ILE B 415 32.86 82.11 -41.90
CA ILE B 415 31.85 81.13 -42.31
C ILE B 415 32.56 80.01 -43.06
N ILE B 416 33.13 80.38 -44.21
CA ILE B 416 33.86 79.45 -45.06
C ILE B 416 34.76 78.55 -44.25
N ASN B 417 35.55 79.15 -43.38
CA ASN B 417 36.47 78.40 -42.54
C ASN B 417 35.79 77.59 -41.42
N TYR B 418 34.48 77.73 -41.25
CA TYR B 418 33.80 76.97 -40.20
C TYR B 418 33.09 75.75 -40.77
N LYS B 419 32.93 75.71 -42.09
CA LYS B 419 32.24 74.61 -42.77
C LYS B 419 32.61 73.19 -42.30
N ASN B 420 33.89 72.87 -42.27
CA ASN B 420 34.27 71.53 -41.87
C ASN B 420 33.55 71.07 -40.61
N ASN B 421 33.14 72.01 -39.77
CA ASN B 421 32.45 71.65 -38.53
C ASN B 421 31.08 71.15 -38.83
N ILE B 422 30.40 71.76 -39.79
CA ILE B 422 29.08 71.30 -40.12
C ILE B 422 29.22 69.93 -40.75
N ASP B 423 30.22 69.75 -41.60
CA ASP B 423 30.43 68.46 -42.24
C ASP B 423 30.54 67.37 -41.19
N LYS B 424 31.51 67.50 -40.30
CA LYS B 424 31.68 66.52 -39.24
C LYS B 424 30.31 66.19 -38.65
N LEU B 425 29.67 67.16 -38.01
CA LEU B 425 28.36 66.92 -37.43
C LEU B 425 27.55 66.00 -38.34
N GLU B 426 27.31 66.45 -39.57
CA GLU B 426 26.53 65.70 -40.54
C GLU B 426 26.94 64.22 -40.55
N GLY B 427 28.25 63.99 -40.48
CA GLY B 427 28.76 62.64 -40.50
C GLY B 427 28.50 61.80 -39.25
N ASP B 428 28.52 62.43 -38.09
CA ASP B 428 28.27 61.68 -36.89
C ASP B 428 26.78 61.51 -36.79
N HIS B 429 26.06 62.31 -37.54
CA HIS B 429 24.60 62.21 -37.53
C HIS B 429 24.25 60.89 -38.18
N GLN B 430 24.90 60.64 -39.32
CA GLN B 430 24.72 59.42 -40.08
C GLN B 430 25.02 58.18 -39.23
N LEU B 431 26.06 58.25 -38.40
CA LEU B 431 26.39 57.13 -37.53
C LEU B 431 25.28 56.89 -36.51
N ILE B 432 24.78 57.97 -35.90
CA ILE B 432 23.72 57.84 -34.91
C ILE B 432 22.53 57.13 -35.50
N GLN B 433 22.14 57.53 -36.70
CA GLN B 433 20.99 56.91 -37.37
C GLN B 433 21.28 55.47 -37.78
N GLU B 434 22.46 55.20 -38.32
CA GLU B 434 22.77 53.83 -38.74
C GLU B 434 22.75 52.89 -37.53
N ALA B 435 22.95 53.45 -36.35
CA ALA B 435 22.97 52.65 -35.14
C ALA B 435 21.56 52.50 -34.57
N LEU B 436 20.58 53.04 -35.28
CA LEU B 436 19.18 52.96 -34.85
C LEU B 436 18.98 53.71 -33.53
N VAL B 437 19.69 54.83 -33.40
CA VAL B 437 19.57 55.66 -32.21
C VAL B 437 18.89 56.89 -32.71
N PHE B 438 17.76 57.24 -32.10
CA PHE B 438 17.05 58.41 -32.56
C PHE B 438 16.69 59.33 -31.41
N ASP B 439 17.36 59.14 -30.29
CA ASP B 439 17.12 59.98 -29.12
C ASP B 439 18.46 60.48 -28.61
N ASN B 440 18.52 61.78 -28.30
CA ASN B 440 19.76 62.33 -27.77
C ASN B 440 19.48 63.40 -26.73
N LYS B 441 19.49 62.98 -25.47
CA LYS B 441 19.21 63.89 -24.37
C LYS B 441 20.37 64.85 -24.08
N HIS B 442 21.50 64.70 -24.76
CA HIS B 442 22.64 65.57 -24.48
C HIS B 442 22.72 66.86 -25.28
N THR B 443 21.63 67.24 -25.93
CA THR B 443 21.60 68.46 -26.71
C THR B 443 20.19 68.72 -27.18
N ASN B 444 19.84 69.97 -27.39
CA ASN B 444 18.50 70.30 -27.84
C ASN B 444 18.58 70.68 -29.29
N TYR B 445 19.59 70.18 -30.01
CA TYR B 445 19.70 70.57 -31.38
C TYR B 445 19.15 69.78 -32.56
N THR B 446 19.65 68.59 -32.84
CA THR B 446 19.13 67.83 -34.01
C THR B 446 19.73 68.34 -35.31
N MET B 447 20.38 67.43 -36.03
CA MET B 447 21.01 67.76 -37.29
C MET B 447 20.22 68.80 -38.08
N GLU B 448 18.89 68.69 -38.07
CA GLU B 448 18.06 69.63 -38.82
C GLU B 448 18.25 71.06 -38.37
N HIS B 449 17.96 71.33 -37.10
CA HIS B 449 18.12 72.69 -36.60
C HIS B 449 19.42 73.29 -37.09
N ILE B 450 20.52 72.55 -36.98
CA ILE B 450 21.80 73.06 -37.44
C ILE B 450 21.77 73.31 -38.93
N ARG B 451 21.18 72.40 -39.70
CA ARG B 451 21.15 72.60 -41.17
C ARG B 451 20.43 73.88 -41.54
N VAL B 452 19.23 74.07 -41.02
CA VAL B 452 18.48 75.26 -41.34
C VAL B 452 19.29 76.47 -40.94
N GLY B 453 19.76 76.47 -39.71
CA GLY B 453 20.53 77.59 -39.20
C GLY B 453 21.70 77.96 -40.08
N TRP B 454 22.49 76.96 -40.43
CA TRP B 454 23.66 77.17 -41.28
C TRP B 454 23.28 77.63 -42.68
N GLU B 455 22.18 77.10 -43.19
CA GLU B 455 21.74 77.48 -44.53
C GLU B 455 21.20 78.91 -44.51
N LEU B 456 20.58 79.28 -43.40
CA LEU B 456 20.05 80.63 -43.25
C LEU B 456 21.25 81.58 -43.18
N LEU B 457 22.28 81.17 -42.43
CA LEU B 457 23.48 81.98 -42.30
C LEU B 457 24.04 82.26 -43.70
N LEU B 458 24.39 81.21 -44.45
CA LEU B 458 24.96 81.39 -45.78
C LEU B 458 24.12 82.30 -46.66
N THR B 459 22.81 82.24 -46.48
CA THR B 459 21.92 83.08 -47.28
C THR B 459 21.93 84.51 -46.79
N THR B 460 22.03 84.70 -45.48
CA THR B 460 22.04 86.05 -44.95
C THR B 460 23.27 86.84 -45.37
N ILE B 461 24.47 86.26 -45.29
CA ILE B 461 25.65 87.01 -45.72
C ILE B 461 25.52 87.36 -47.19
N ALA B 462 25.25 86.35 -48.01
CA ALA B 462 25.11 86.57 -49.44
C ALA B 462 24.17 87.73 -49.71
N ARG B 463 23.02 87.70 -49.06
CA ARG B 463 22.06 88.76 -49.23
C ARG B 463 22.65 90.09 -48.79
N THR B 464 23.08 90.14 -47.53
CA THR B 464 23.64 91.37 -46.99
C THR B 464 24.80 91.95 -47.81
N ILE B 465 25.82 91.15 -48.12
CA ILE B 465 26.91 91.66 -48.92
C ILE B 465 26.34 92.26 -50.21
N ASN B 466 25.31 91.61 -50.74
CA ASN B 466 24.69 92.08 -51.96
C ASN B 466 24.08 93.46 -51.74
N GLU B 467 23.20 93.56 -50.75
CA GLU B 467 22.54 94.83 -50.45
C GLU B 467 23.54 95.96 -50.28
N VAL B 468 24.67 95.67 -49.66
CA VAL B 468 25.68 96.69 -49.46
C VAL B 468 26.37 97.02 -50.78
N GLU B 469 26.38 96.07 -51.72
CA GLU B 469 27.00 96.35 -53.00
C GLU B 469 26.13 97.36 -53.72
N THR B 470 24.82 97.21 -53.60
CA THR B 470 23.89 98.14 -54.23
C THR B 470 24.06 99.52 -53.59
N GLN B 471 24.15 99.54 -52.27
CA GLN B 471 24.34 100.79 -51.53
C GLN B 471 25.50 101.57 -52.12
N ILE B 472 26.67 100.95 -52.11
CA ILE B 472 27.89 101.56 -52.62
C ILE B 472 27.84 101.72 -54.14
N LEU B 473 26.64 101.79 -54.69
CA LEU B 473 26.47 101.94 -56.14
C LEU B 473 25.42 103.01 -56.39
N THR B 474 24.29 102.87 -55.70
CA THR B 474 23.19 103.82 -55.80
C THR B 474 23.50 104.96 -54.84
N ARG B 475 24.79 105.27 -54.73
CA ARG B 475 25.29 106.34 -53.87
C ARG B 475 26.62 106.81 -54.44
N ASP B 476 27.43 105.84 -54.84
CA ASP B 476 28.75 106.07 -55.42
C ASP B 476 28.66 106.43 -56.92
#